data_4PY8
#
_entry.id   4PY8
#
_cell.length_a   135.060
_cell.length_b   135.060
_cell.length_c   230.201
_cell.angle_alpha   90.00
_cell.angle_beta   90.00
_cell.angle_gamma   120.00
#
_symmetry.space_group_name_H-M   'H 3'
#
loop_
_entity.id
_entity.type
_entity.pdbx_description
1 polymer 'Hemagglutinin HA1 chain'
2 polymer 'Hemagglutinin HA2 chain'
3 polymer 'antibody 3.1 heavy chain'
4 polymer 'antibody 3.1 light chain'
5 branched 2-acetamido-2-deoxy-beta-D-glucopyranose-(1-4)-2-acetamido-2-deoxy-beta-D-glucopyranose
6 non-polymer 2-acetamido-2-deoxy-beta-D-glucopyranose
7 non-polymer 'MALONATE ION'
#
loop_
_entity_poly.entity_id
_entity_poly.type
_entity_poly.pdbx_seq_one_letter_code
_entity_poly.pdbx_strand_id
1 'polypeptide(L)'
;ADPGDTICIGYHANNSTDTVDTVLEKNVTVTHSVNLLEDSHNGKLCKLKGIAPLQLGKCNIAGWLLGNPECDLLLTASSW
SYIVETSNSENGTCYPGDFIDYEELREQLSSVSSFEKFEIFPKTSSWPNHETTKGVTAACSYAGASSFYRNLLWLTKKGS
SYPKLSKSYVNNKGKEVLVLWGVHHPPTGTDQQSLYQNADAYVSVGSSKYNRRFTPEIAARPKVRDQAGRMNYYWTLLEP
GDTITFEATGNLIAPWYAFALNRGSGSGIITSDAPVHDCNTKCQTPHGAINSSLPFQNIHPVTIGECPKYVRSTKLRMAT
GLRNIPSIQSR
;
A
2 'polypeptide(L)'
;GLFGAIAGFIEGGWTGMIDGWYGYHHQNEQGSGYAADQKSTQNAIDGITNKVNSVIEKMNTQFTAVGKEFNNLERRIENL
NKKVDDGFLDIWTYNAELLVLLENERTLDFHDSNVRNLYEKVKSQLKNNAKEIGNGCFEFYHKCDDACMESVRNGTYDYP
KYSEESKLNREEIDGVSGR
;
B
3 'polypeptide(L)'
;QVQLVQSGGGVVQPGRSLRLSCAASEFTFRMYATHWVRQAPGKGLEWVALISYDGSNKYYADSVKGRFTISRDNSMNTVY
LQMNTLRPEDTAVYYCARDLGGYFIRGIMDVWGQGTLVTVSSASTKGPSVFPLAPSSGGTAALGCLVKDYFPEPVTVSWN
SGALTSGVHTFPAVLQSSGLYSLSSVVTVPSSSLGTQTYICNVNHKPSNTKVDKRVEPK
;
I
4 'polypeptide(L)'
;ELQMTQSPSSVSASVGDRVTITCRASQGISSWLAWYQQKPGKAPKLLIYAASSLQSGVPSRFSGSGSGTDFTLTISSLQP
EDFATYYCQQANSFPLTFGGGTKVEIKRTVAAPSVFIFPPSDEQLKSGTASVVCLLNNFYPREAKVQWKVDNALQSGNSQ
ESVTEQDSKDSTYSLSSTLTLSKADYEKHKVYACEVTHQGLSSPVTKSFNRGEC
;
J
#
# COMPACT_ATOMS: atom_id res chain seq x y z
N ALA A 1 57.53 16.57 -1.51
CA ALA A 1 58.51 17.37 -0.70
C ALA A 1 58.02 18.82 -0.49
N ASP A 2 58.42 19.48 0.60
CA ASP A 2 59.17 18.87 1.72
C ASP A 2 58.31 17.84 2.51
N PRO A 3 57.19 18.27 3.14
CA PRO A 3 56.33 17.26 3.80
C PRO A 3 55.96 16.11 2.87
N GLY A 4 55.53 16.45 1.66
CA GLY A 4 55.01 15.46 0.73
C GLY A 4 53.80 14.82 1.36
N ASP A 5 52.72 15.59 1.46
CA ASP A 5 51.42 15.06 1.87
C ASP A 5 50.84 14.21 0.75
N THR A 6 49.99 13.24 1.09
CA THR A 6 49.36 12.40 0.06
C THR A 6 47.84 12.34 0.14
N ILE A 7 47.19 12.44 -1.03
CA ILE A 7 45.79 12.06 -1.23
C ILE A 7 45.75 10.87 -2.16
N CYS A 8 44.84 9.94 -1.87
CA CYS A 8 44.62 8.77 -2.71
C CYS A 8 43.14 8.60 -3.01
N ILE A 9 42.84 7.83 -4.06
CA ILE A 9 41.48 7.54 -4.51
C ILE A 9 41.23 6.05 -4.38
N GLY A 10 40.09 5.66 -3.84
CA GLY A 10 39.84 4.25 -3.64
C GLY A 10 38.37 3.88 -3.58
N TYR A 11 38.12 2.60 -3.28
CA TYR A 11 36.77 2.07 -3.27
C TYR A 11 36.45 1.23 -2.06
N HIS A 12 35.17 1.13 -1.78
CA HIS A 12 34.62 0.37 -0.69
C HIS A 12 35.02 -1.11 -0.75
N ALA A 13 35.33 -1.67 0.41
CA ALA A 13 35.45 -3.11 0.58
C ALA A 13 34.83 -3.50 1.91
N ASN A 14 34.26 -4.70 1.99
CA ASN A 14 33.61 -5.14 3.22
C ASN A 14 33.70 -6.64 3.39
N ASN A 15 33.00 -7.19 4.37
CA ASN A 15 33.16 -8.59 4.69
C ASN A 15 32.01 -9.41 4.14
N SER A 16 31.60 -9.03 2.93
CA SER A 16 30.54 -9.71 2.23
C SER A 16 31.14 -10.89 1.49
N THR A 17 30.40 -11.99 1.47
CA THR A 17 30.79 -13.19 0.76
C THR A 17 29.73 -13.52 -0.30
N ASP A 18 28.84 -12.56 -0.58
CA ASP A 18 27.85 -12.68 -1.67
C ASP A 18 28.59 -12.76 -2.99
N THR A 19 28.25 -13.75 -3.82
CA THR A 19 28.90 -13.86 -5.14
C THR A 19 27.92 -13.83 -6.29
N VAL A 20 28.33 -13.22 -7.39
CA VAL A 20 27.51 -13.16 -8.60
C VAL A 20 28.25 -13.81 -9.78
N ASP A 21 27.52 -14.07 -10.86
CA ASP A 21 28.09 -14.51 -12.12
C ASP A 21 27.98 -13.41 -13.14
N THR A 22 29.08 -13.15 -13.85
CA THR A 22 29.07 -12.27 -14.99
C THR A 22 29.32 -13.17 -16.18
N VAL A 23 29.31 -12.63 -17.39
CA VAL A 23 29.54 -13.47 -18.58
C VAL A 23 30.99 -13.92 -18.70
N LEU A 24 31.91 -13.00 -18.43
CA LEU A 24 33.34 -13.30 -18.46
C LEU A 24 33.85 -14.11 -17.27
N GLU A 25 33.09 -14.14 -16.19
CA GLU A 25 33.56 -14.69 -14.92
C GLU A 25 32.45 -15.24 -14.03
N LYS A 26 32.77 -16.25 -13.23
CA LYS A 26 31.85 -16.85 -12.28
C LYS A 26 32.30 -16.65 -10.85
N ASN A 27 31.36 -16.78 -9.90
CA ASN A 27 31.61 -16.60 -8.48
C ASN A 27 32.47 -15.37 -8.19
N VAL A 28 32.02 -14.21 -8.62
CA VAL A 28 32.65 -12.97 -8.26
C VAL A 28 32.03 -12.46 -6.95
N THR A 29 32.87 -12.32 -5.94
CA THR A 29 32.46 -11.74 -4.67
C THR A 29 32.25 -10.24 -4.87
N VAL A 30 31.10 -9.75 -4.39
CA VAL A 30 30.74 -8.35 -4.52
C VAL A 30 30.35 -7.75 -3.18
N THR A 31 30.47 -6.43 -3.05
CA THR A 31 30.13 -5.73 -1.82
C THR A 31 28.63 -5.73 -1.47
N HIS A 32 27.76 -5.78 -2.46
CA HIS A 32 26.31 -5.74 -2.23
C HIS A 32 25.62 -6.37 -3.42
N SER A 33 24.48 -6.99 -3.18
CA SER A 33 23.77 -7.68 -4.24
C SER A 33 22.32 -7.87 -3.86
N VAL A 34 21.50 -8.20 -4.83
CA VAL A 34 20.11 -8.42 -4.50
C VAL A 34 19.70 -9.78 -5.02
N ASN A 35 19.01 -10.55 -4.21
CA ASN A 35 18.51 -11.82 -4.68
C ASN A 35 17.19 -11.60 -5.40
N LEU A 36 17.07 -12.12 -6.61
CA LEU A 36 15.84 -11.93 -7.35
C LEU A 36 14.93 -13.14 -7.30
N LEU A 37 15.45 -14.23 -6.71
CA LEU A 37 14.81 -15.54 -6.78
C LEU A 37 14.35 -16.05 -5.42
N GLU A 38 13.05 -16.29 -5.30
CA GLU A 38 12.49 -16.88 -4.09
C GLU A 38 12.54 -18.38 -4.19
N ASP A 39 13.07 -19.02 -3.15
CA ASP A 39 13.14 -20.47 -3.12
C ASP A 39 12.61 -21.10 -1.84
N SER A 40 11.88 -20.34 -1.03
CA SER A 40 11.34 -20.85 0.23
C SER A 40 9.82 -20.92 0.22
N HIS A 41 9.29 -22.00 0.76
CA HIS A 41 7.86 -22.09 1.05
C HIS A 41 7.66 -22.66 2.46
N ASN A 42 6.42 -22.60 2.97
CA ASN A 42 6.10 -23.09 4.30
C ASN A 42 5.48 -24.47 4.28
N GLY A 43 5.59 -25.16 3.16
CA GLY A 43 5.12 -26.54 3.03
C GLY A 43 3.66 -26.85 3.38
N LYS A 44 2.80 -25.83 3.43
CA LYS A 44 1.40 -26.06 3.75
C LYS A 44 0.49 -25.37 2.76
N LEU A 45 -0.78 -25.77 2.76
CA LEU A 45 -1.79 -25.07 1.98
C LEU A 45 -2.49 -24.14 2.94
N CYS A 46 -2.60 -22.88 2.56
CA CYS A 46 -3.08 -21.88 3.49
C CYS A 46 -4.33 -21.17 2.94
N LYS A 47 -4.88 -20.27 3.74
CA LYS A 47 -6.02 -19.44 3.32
C LYS A 47 -5.59 -18.39 2.30
N LEU A 48 -6.53 -17.93 1.50
CA LEU A 48 -6.36 -16.76 0.65
C LEU A 48 -7.53 -15.83 0.86
N LYS A 49 -7.26 -14.53 1.05
CA LYS A 49 -8.26 -13.53 1.46
C LYS A 49 -9.01 -14.05 2.68
N GLY A 50 -8.28 -14.79 3.51
CA GLY A 50 -8.85 -15.42 4.69
C GLY A 50 -10.00 -16.38 4.43
N ILE A 51 -9.97 -17.11 3.30
CA ILE A 51 -10.92 -18.20 3.03
C ILE A 51 -10.20 -19.53 2.79
N ALA A 52 -10.59 -20.57 3.52
CA ALA A 52 -9.91 -21.87 3.42
C ALA A 52 -10.21 -22.53 2.08
N PRO A 53 -9.22 -23.24 1.51
CA PRO A 53 -9.43 -24.02 0.30
C PRO A 53 -10.44 -25.13 0.53
N LEU A 54 -10.96 -25.72 -0.54
CA LEU A 54 -11.79 -26.90 -0.41
C LEU A 54 -10.93 -28.13 -0.60
N GLN A 55 -10.85 -28.95 0.43
CA GLN A 55 -10.06 -30.14 0.38
C GLN A 55 -10.95 -31.32 0.00
N LEU A 56 -10.88 -31.73 -1.28
CA LEU A 56 -11.66 -32.85 -1.79
C LEU A 56 -11.20 -34.20 -1.24
N GLY A 57 -9.98 -34.28 -0.74
CA GLY A 57 -9.52 -35.48 -0.05
C GLY A 57 -9.41 -36.65 -1.00
N LYS A 58 -10.09 -37.74 -0.66
CA LYS A 58 -10.13 -38.95 -1.50
C LYS A 58 -11.06 -38.82 -2.75
N CYS A 59 -11.92 -37.80 -2.77
CA CYS A 59 -12.80 -37.56 -3.90
C CYS A 59 -12.13 -36.70 -4.95
N ASN A 60 -12.74 -36.67 -6.14
CA ASN A 60 -12.32 -35.78 -7.21
C ASN A 60 -13.51 -34.96 -7.71
N ILE A 61 -13.27 -33.96 -8.57
CA ILE A 61 -14.35 -33.03 -8.95
C ILE A 61 -15.60 -33.83 -9.23
N ALA A 62 -15.45 -34.90 -10.01
CA ALA A 62 -16.57 -35.70 -10.42
C ALA A 62 -17.32 -36.32 -9.25
N GLY A 63 -16.61 -36.92 -8.31
CA GLY A 63 -17.27 -37.48 -7.15
C GLY A 63 -17.86 -36.39 -6.29
N TRP A 64 -17.25 -35.22 -6.32
CA TRP A 64 -17.74 -34.13 -5.52
C TRP A 64 -19.10 -33.67 -6.01
N LEU A 65 -19.17 -33.26 -7.27
CA LEU A 65 -20.40 -32.73 -7.86
C LEU A 65 -21.48 -33.79 -7.93
N LEU A 66 -21.12 -35.01 -8.33
CA LEU A 66 -22.12 -36.09 -8.40
C LEU A 66 -22.63 -36.51 -7.04
N GLY A 67 -21.80 -36.43 -6.02
CA GLY A 67 -22.25 -36.78 -4.69
C GLY A 67 -21.91 -38.22 -4.38
N ASN A 68 -20.72 -38.65 -4.78
CA ASN A 68 -20.26 -39.96 -4.46
C ASN A 68 -20.33 -40.10 -2.95
N PRO A 69 -20.85 -41.25 -2.46
CA PRO A 69 -21.08 -41.46 -1.04
C PRO A 69 -19.82 -41.39 -0.17
N GLU A 70 -18.65 -41.54 -0.77
CA GLU A 70 -17.40 -41.29 -0.03
C GLU A 70 -17.09 -39.78 0.15
N CYS A 71 -17.93 -38.92 -0.38
CA CYS A 71 -17.65 -37.50 -0.38
C CYS A 71 -18.53 -36.71 0.56
N ASP A 72 -19.01 -37.31 1.64
CA ASP A 72 -20.04 -36.66 2.42
C ASP A 72 -19.53 -35.44 3.19
N LEU A 73 -18.24 -35.44 3.47
CA LEU A 73 -17.55 -34.29 4.01
C LEU A 73 -17.67 -33.05 3.13
N LEU A 74 -18.18 -33.22 1.93
CA LEU A 74 -18.22 -32.14 0.95
C LEU A 74 -19.62 -31.61 0.74
N LEU A 75 -20.60 -32.28 1.33
CA LEU A 75 -22.01 -31.98 1.04
C LEU A 75 -22.40 -30.56 1.42
N THR A 76 -21.79 -30.03 2.45
CA THR A 76 -22.12 -28.68 2.92
C THR A 76 -21.18 -27.58 2.37
N ALA A 77 -20.25 -27.94 1.49
CA ALA A 77 -19.33 -26.97 0.90
C ALA A 77 -20.16 -25.88 0.24
N SER A 78 -19.68 -24.64 0.33
CA SER A 78 -20.37 -23.54 -0.33
C SER A 78 -19.39 -22.52 -0.88
N SER A 79 -18.40 -22.12 -0.08
CA SER A 79 -17.32 -21.25 -0.56
C SER A 79 -15.91 -21.75 -0.27
N TRP A 80 -14.95 -21.20 -1.00
CA TRP A 80 -13.55 -21.59 -0.93
C TRP A 80 -12.67 -20.61 -1.68
N SER A 81 -11.35 -20.69 -1.46
CA SER A 81 -10.40 -19.86 -2.20
C SER A 81 -9.74 -20.59 -3.39
N TYR A 82 -9.93 -21.91 -3.43
CA TYR A 82 -9.45 -22.78 -4.48
C TYR A 82 -9.71 -24.21 -4.05
N ILE A 83 -9.54 -25.15 -4.99
CA ILE A 83 -9.94 -26.53 -4.80
C ILE A 83 -8.72 -27.42 -4.83
N VAL A 84 -8.61 -28.34 -3.88
CA VAL A 84 -7.45 -29.22 -3.83
C VAL A 84 -7.87 -30.66 -4.12
N GLU A 85 -7.21 -31.26 -5.09
CA GLU A 85 -7.29 -32.68 -5.35
C GLU A 85 -5.96 -33.23 -4.90
N THR A 86 -5.98 -34.30 -4.14
CA THR A 86 -4.75 -34.91 -3.67
C THR A 86 -4.39 -35.97 -4.67
N SER A 87 -3.22 -36.58 -4.53
CA SER A 87 -2.87 -37.65 -5.47
C SER A 87 -3.49 -38.99 -5.04
N ASN A 88 -4.43 -38.93 -4.10
CA ASN A 88 -5.23 -40.06 -3.70
C ASN A 88 -6.69 -39.90 -4.16
N SER A 89 -6.92 -38.90 -5.02
CA SER A 89 -8.28 -38.55 -5.41
C SER A 89 -8.90 -39.53 -6.43
N GLU A 90 -9.41 -40.64 -5.92
CA GLU A 90 -9.89 -41.76 -6.76
C GLU A 90 -11.43 -41.85 -6.88
N ASN A 91 -12.14 -41.42 -5.85
CA ASN A 91 -13.58 -41.55 -5.83
C ASN A 91 -14.29 -40.52 -6.70
N GLY A 92 -14.78 -41.02 -7.83
CA GLY A 92 -15.45 -40.21 -8.82
C GLY A 92 -16.75 -40.88 -9.11
N THR A 93 -16.96 -41.28 -10.36
CA THR A 93 -18.16 -42.00 -10.72
C THR A 93 -18.08 -43.40 -10.10
N CYS A 94 -19.08 -43.80 -9.32
CA CYS A 94 -19.07 -45.11 -8.66
C CYS A 94 -19.72 -46.17 -9.51
N TYR A 95 -20.86 -45.82 -10.13
CA TYR A 95 -21.43 -46.64 -11.17
C TYR A 95 -20.67 -46.27 -12.42
N PRO A 96 -20.20 -47.29 -13.16
CA PRO A 96 -19.27 -47.02 -14.24
C PRO A 96 -19.90 -46.40 -15.50
N GLY A 97 -19.18 -45.45 -16.09
CA GLY A 97 -19.57 -44.88 -17.39
C GLY A 97 -18.86 -43.58 -17.72
N ASP A 98 -19.14 -43.02 -18.88
CA ASP A 98 -18.46 -41.80 -19.32
C ASP A 98 -19.11 -40.59 -18.64
N PHE A 99 -18.25 -39.69 -18.12
CA PHE A 99 -18.67 -38.35 -17.70
C PHE A 99 -18.36 -37.46 -18.89
N ILE A 100 -19.39 -37.01 -19.59
CA ILE A 100 -19.22 -36.35 -20.88
C ILE A 100 -18.69 -34.96 -20.68
N ASP A 101 -17.71 -34.57 -21.46
CA ASP A 101 -17.08 -33.23 -21.33
C ASP A 101 -16.61 -32.95 -19.92
N TYR A 102 -16.12 -33.97 -19.23
CA TYR A 102 -15.73 -33.76 -17.87
C TYR A 102 -14.62 -32.71 -17.75
N GLU A 103 -13.59 -32.84 -18.59
CA GLU A 103 -12.46 -31.90 -18.64
C GLU A 103 -12.87 -30.46 -18.88
N GLU A 104 -13.88 -30.26 -19.74
CA GLU A 104 -14.48 -28.95 -19.90
C GLU A 104 -15.12 -28.47 -18.62
N LEU A 105 -15.86 -29.34 -17.92
CA LEU A 105 -16.45 -28.97 -16.64
C LEU A 105 -15.39 -28.57 -15.62
N ARG A 106 -14.28 -29.30 -15.56
CA ARG A 106 -13.22 -28.93 -14.66
C ARG A 106 -12.80 -27.50 -14.96
N GLU A 107 -12.67 -27.18 -16.23
CA GLU A 107 -12.26 -25.86 -16.66
C GLU A 107 -13.25 -24.81 -16.20
N GLN A 108 -14.53 -25.08 -16.39
CA GLN A 108 -15.57 -24.18 -15.94
C GLN A 108 -15.47 -23.97 -14.44
N LEU A 109 -15.06 -25.01 -13.72
CA LEU A 109 -15.11 -24.91 -12.28
C LEU A 109 -13.93 -24.17 -11.72
N SER A 110 -12.90 -24.00 -12.54
CA SER A 110 -11.69 -23.38 -12.06
C SER A 110 -11.79 -21.87 -12.07
N SER A 111 -12.99 -21.34 -12.26
CA SER A 111 -13.25 -19.90 -12.09
C SER A 111 -14.52 -19.62 -11.29
N VAL A 112 -14.85 -20.56 -10.41
CA VAL A 112 -16.00 -20.51 -9.55
C VAL A 112 -15.46 -20.41 -8.14
N SER A 113 -15.82 -19.35 -7.41
CA SER A 113 -15.29 -19.24 -6.04
C SER A 113 -16.28 -19.63 -4.96
N SER A 114 -17.49 -20.03 -5.37
CA SER A 114 -18.55 -20.42 -4.44
C SER A 114 -19.82 -20.82 -5.19
N PHE A 115 -20.64 -21.63 -4.54
CA PHE A 115 -21.99 -21.86 -5.07
C PHE A 115 -23.01 -22.06 -3.98
N GLU A 116 -24.28 -22.14 -4.36
CA GLU A 116 -25.31 -22.56 -3.42
C GLU A 116 -26.00 -23.81 -3.95
N LYS A 117 -25.68 -24.95 -3.34
CA LYS A 117 -26.35 -26.18 -3.66
C LYS A 117 -27.81 -26.00 -3.30
N PHE A 118 -28.71 -26.50 -4.12
CA PHE A 118 -30.12 -26.42 -3.78
C PHE A 118 -30.81 -27.62 -4.33
N GLU A 119 -31.97 -27.97 -3.80
CA GLU A 119 -32.60 -29.18 -4.31
C GLU A 119 -33.58 -28.83 -5.40
N ILE A 120 -33.14 -29.05 -6.63
CA ILE A 120 -33.83 -28.60 -7.85
C ILE A 120 -35.14 -29.36 -8.06
N PHE A 121 -35.10 -30.68 -7.92
CA PHE A 121 -36.29 -31.52 -7.89
C PHE A 121 -36.30 -32.34 -6.61
N PRO A 122 -36.99 -31.86 -5.56
CA PRO A 122 -36.91 -32.60 -4.32
C PRO A 122 -37.36 -34.03 -4.54
N LYS A 123 -36.68 -34.95 -3.88
CA LYS A 123 -36.87 -36.39 -4.08
C LYS A 123 -38.22 -36.85 -3.55
N THR A 124 -38.64 -36.30 -2.42
CA THR A 124 -39.85 -36.81 -1.80
C THR A 124 -41.11 -36.14 -2.31
N SER A 125 -40.96 -35.16 -3.20
CA SER A 125 -42.11 -34.37 -3.66
C SER A 125 -42.27 -34.32 -5.18
N SER A 126 -41.21 -34.59 -5.92
CA SER A 126 -41.24 -34.42 -7.36
C SER A 126 -41.85 -35.57 -8.15
N TRP A 127 -41.73 -36.80 -7.64
CA TRP A 127 -42.02 -37.99 -8.45
C TRP A 127 -43.06 -38.92 -7.81
N PRO A 128 -44.35 -38.54 -7.90
CA PRO A 128 -45.44 -39.24 -7.29
C PRO A 128 -45.73 -40.56 -7.99
N ASN A 129 -45.78 -40.54 -9.32
CA ASN A 129 -46.12 -41.75 -10.07
C ASN A 129 -44.93 -42.42 -10.71
N HIS A 130 -43.77 -42.23 -10.08
CA HIS A 130 -42.56 -43.02 -10.33
C HIS A 130 -41.98 -43.44 -8.99
N GLU A 131 -41.17 -44.49 -9.00
CA GLU A 131 -40.56 -45.06 -7.80
C GLU A 131 -39.21 -44.38 -7.56
N THR A 132 -39.00 -43.88 -6.35
CA THR A 132 -37.83 -43.09 -6.08
C THR A 132 -36.97 -43.74 -5.04
N THR A 133 -37.49 -44.78 -4.41
CA THR A 133 -36.81 -45.38 -3.29
C THR A 133 -36.32 -46.78 -3.67
N LYS A 134 -35.05 -47.07 -3.47
CA LYS A 134 -34.50 -48.35 -3.92
C LYS A 134 -34.73 -48.60 -5.45
N GLY A 135 -33.67 -48.60 -6.26
CA GLY A 135 -32.26 -48.54 -5.80
C GLY A 135 -31.45 -47.45 -6.49
N VAL A 136 -30.16 -47.24 -6.15
CA VAL A 136 -29.34 -48.05 -5.17
C VAL A 136 -28.53 -49.24 -5.76
N THR A 137 -27.21 -49.23 -5.58
CA THR A 137 -26.33 -50.28 -6.08
C THR A 137 -25.25 -50.62 -5.08
N ALA A 138 -24.68 -51.81 -5.26
CA ALA A 138 -23.44 -52.23 -4.61
C ALA A 138 -22.26 -51.33 -4.99
N ALA A 139 -22.25 -50.83 -6.22
CA ALA A 139 -21.11 -50.06 -6.69
C ALA A 139 -20.98 -48.71 -5.99
N CYS A 140 -22.07 -48.22 -5.39
CA CYS A 140 -22.02 -46.98 -4.64
C CYS A 140 -22.31 -47.26 -3.20
N SER A 141 -21.56 -48.19 -2.63
CA SER A 141 -21.83 -48.65 -1.28
C SER A 141 -21.35 -47.67 -0.24
N TYR A 142 -22.26 -47.34 0.67
CA TYR A 142 -21.92 -46.53 1.83
C TYR A 142 -22.05 -47.35 3.10
N ALA A 143 -20.96 -47.38 3.86
CA ALA A 143 -20.93 -48.12 5.13
C ALA A 143 -21.64 -49.48 5.00
N GLY A 144 -21.16 -50.30 4.07
CA GLY A 144 -21.55 -51.70 3.94
C GLY A 144 -22.92 -52.03 3.37
N ALA A 145 -23.61 -51.02 2.88
CA ALA A 145 -24.96 -51.20 2.35
C ALA A 145 -25.04 -50.48 1.03
N SER A 146 -25.98 -50.91 0.19
CA SER A 146 -26.10 -50.36 -1.16
C SER A 146 -26.55 -48.93 -1.07
N SER A 147 -26.09 -48.11 -2.00
CA SER A 147 -26.47 -46.72 -1.98
C SER A 147 -26.41 -46.10 -3.38
N PHE A 148 -26.42 -44.78 -3.43
CA PHE A 148 -26.32 -44.04 -4.66
C PHE A 148 -25.81 -42.63 -4.39
N TYR A 149 -25.55 -41.89 -5.46
CA TYR A 149 -25.11 -40.52 -5.38
C TYR A 149 -26.09 -39.67 -4.59
N ARG A 150 -25.57 -38.65 -3.92
CA ARG A 150 -26.39 -37.83 -3.07
C ARG A 150 -27.08 -36.81 -3.94
N ASN A 151 -26.45 -36.43 -5.04
CA ASN A 151 -26.99 -35.33 -5.84
C ASN A 151 -27.85 -35.75 -7.05
N LEU A 152 -27.96 -37.04 -7.33
CA LEU A 152 -28.85 -37.53 -8.42
C LEU A 152 -29.84 -38.56 -7.95
N LEU A 153 -30.86 -38.83 -8.75
CA LEU A 153 -31.88 -39.80 -8.36
C LEU A 153 -32.15 -40.85 -9.44
N TRP A 154 -31.90 -42.11 -9.10
CA TRP A 154 -32.16 -43.22 -10.00
C TRP A 154 -33.63 -43.59 -9.97
N LEU A 155 -34.38 -43.10 -10.95
CA LEU A 155 -35.83 -43.30 -10.96
C LEU A 155 -36.16 -44.61 -11.63
N THR A 156 -36.84 -45.50 -10.93
CA THR A 156 -37.28 -46.75 -11.54
C THR A 156 -38.82 -46.74 -11.62
N LYS A 157 -39.39 -47.75 -12.28
CA LYS A 157 -40.84 -47.87 -12.48
C LYS A 157 -41.58 -48.28 -11.20
N LYS A 158 -42.67 -47.55 -10.92
CA LYS A 158 -43.57 -47.81 -9.80
C LYS A 158 -44.52 -48.96 -10.21
N GLY A 159 -44.30 -50.13 -9.61
CA GLY A 159 -44.86 -51.41 -10.08
C GLY A 159 -45.53 -51.51 -11.45
N SER A 160 -44.79 -51.91 -12.48
CA SER A 160 -45.31 -52.26 -13.84
C SER A 160 -45.43 -51.13 -14.88
N SER A 161 -45.76 -49.91 -14.46
CA SER A 161 -45.83 -48.78 -15.40
C SER A 161 -44.69 -47.79 -15.15
N TYR A 162 -44.31 -47.07 -16.20
CA TYR A 162 -43.35 -45.97 -16.15
C TYR A 162 -43.85 -44.92 -17.13
N PRO A 163 -44.66 -43.97 -16.67
CA PRO A 163 -45.22 -43.04 -17.66
C PRO A 163 -44.22 -41.96 -18.06
N LYS A 164 -44.46 -41.32 -19.20
CA LYS A 164 -43.64 -40.17 -19.61
C LYS A 164 -43.61 -39.17 -18.46
N LEU A 165 -42.40 -38.85 -18.01
CA LEU A 165 -42.21 -37.76 -17.07
C LEU A 165 -41.87 -36.52 -17.86
N SER A 166 -42.17 -35.37 -17.29
CA SER A 166 -41.77 -34.11 -17.85
C SER A 166 -41.59 -33.11 -16.72
N LYS A 167 -40.35 -32.83 -16.37
CA LYS A 167 -40.05 -31.85 -15.34
C LYS A 167 -39.39 -30.65 -15.98
N SER A 168 -39.83 -29.46 -15.59
CA SER A 168 -39.17 -28.25 -16.01
C SER A 168 -38.68 -27.45 -14.85
N TYR A 169 -37.56 -26.76 -15.03
CA TYR A 169 -37.09 -25.84 -14.03
C TYR A 169 -36.71 -24.51 -14.64
N VAL A 170 -37.09 -23.41 -14.01
CA VAL A 170 -36.76 -22.06 -14.52
C VAL A 170 -35.70 -21.39 -13.64
N ASN A 171 -34.63 -20.90 -14.25
CA ASN A 171 -33.53 -20.38 -13.47
C ASN A 171 -33.80 -18.99 -12.93
N ASN A 172 -34.34 -18.92 -11.72
CA ASN A 172 -34.53 -17.61 -11.11
C ASN A 172 -33.52 -17.21 -10.05
N LYS A 173 -32.42 -17.95 -9.95
CA LYS A 173 -31.36 -17.66 -8.99
C LYS A 173 -30.59 -16.37 -9.29
N GLY A 174 -30.82 -15.80 -10.48
CA GLY A 174 -30.08 -14.61 -10.94
C GLY A 174 -28.61 -14.90 -11.22
N LYS A 175 -28.27 -16.16 -11.43
CA LYS A 175 -26.93 -16.58 -11.80
C LYS A 175 -26.97 -17.94 -12.50
N GLU A 176 -25.80 -18.41 -12.97
CA GLU A 176 -25.76 -19.67 -13.69
C GLU A 176 -26.15 -20.83 -12.75
N VAL A 177 -26.90 -21.78 -13.29
CA VAL A 177 -27.20 -23.00 -12.56
C VAL A 177 -26.57 -24.18 -13.27
N LEU A 178 -25.70 -24.89 -12.57
CA LEU A 178 -25.14 -26.12 -13.06
C LEU A 178 -26.08 -27.29 -12.77
N VAL A 179 -26.59 -27.93 -13.81
CA VAL A 179 -27.47 -29.09 -13.66
C VAL A 179 -26.76 -30.35 -14.13
N LEU A 180 -26.75 -31.40 -13.33
CA LEU A 180 -26.12 -32.66 -13.71
C LEU A 180 -27.15 -33.78 -13.69
N TRP A 181 -27.02 -34.71 -14.62
CA TRP A 181 -27.94 -35.82 -14.67
C TRP A 181 -27.25 -37.03 -15.27
N GLY A 182 -27.91 -38.19 -15.24
CA GLY A 182 -27.37 -39.35 -15.91
C GLY A 182 -28.39 -40.06 -16.78
N VAL A 183 -27.87 -40.90 -17.67
CA VAL A 183 -28.66 -41.79 -18.53
C VAL A 183 -28.07 -43.19 -18.34
N HIS A 184 -28.93 -44.16 -18.06
CA HIS A 184 -28.48 -45.51 -17.81
C HIS A 184 -28.55 -46.36 -19.07
N HIS A 185 -27.51 -47.15 -19.31
CA HIS A 185 -27.53 -48.18 -20.35
C HIS A 185 -27.36 -49.52 -19.63
N PRO A 186 -28.47 -50.27 -19.46
CA PRO A 186 -28.49 -51.60 -18.84
C PRO A 186 -27.80 -52.62 -19.72
N PRO A 187 -27.35 -53.78 -19.15
CA PRO A 187 -26.81 -54.86 -19.99
C PRO A 187 -27.98 -55.55 -20.66
N THR A 188 -27.79 -56.59 -21.44
CA THR A 188 -29.01 -57.18 -22.01
C THR A 188 -30.11 -57.23 -20.93
N GLY A 189 -31.11 -56.39 -21.13
CA GLY A 189 -32.22 -56.36 -20.23
C GLY A 189 -33.44 -56.25 -21.10
N THR A 190 -34.62 -56.75 -20.68
CA THR A 190 -34.81 -57.59 -19.47
C THR A 190 -34.64 -56.77 -18.23
N ASP A 191 -33.40 -56.42 -17.93
CA ASP A 191 -33.07 -55.42 -16.94
C ASP A 191 -33.72 -54.08 -17.34
N GLN A 192 -33.61 -53.72 -18.62
CA GLN A 192 -34.29 -52.53 -19.13
C GLN A 192 -35.75 -52.63 -18.77
N GLN A 193 -36.38 -53.73 -19.19
CA GLN A 193 -37.79 -53.99 -18.94
C GLN A 193 -38.08 -54.00 -17.45
N SER A 194 -37.27 -54.71 -16.68
CA SER A 194 -37.40 -54.79 -15.22
C SER A 194 -37.17 -53.49 -14.45
N LEU A 195 -36.56 -52.48 -15.07
CA LEU A 195 -36.33 -51.20 -14.38
C LEU A 195 -37.27 -50.13 -14.86
N TYR A 196 -37.52 -50.12 -16.16
CA TYR A 196 -38.19 -49.00 -16.82
C TYR A 196 -39.41 -49.39 -17.65
N GLN A 197 -39.70 -50.69 -17.76
CA GLN A 197 -40.83 -51.23 -18.54
C GLN A 197 -40.63 -51.01 -20.04
N ASN A 198 -40.59 -49.75 -20.44
CA ASN A 198 -40.53 -49.34 -21.84
C ASN A 198 -39.29 -49.80 -22.64
N ALA A 199 -39.42 -50.94 -23.33
CA ALA A 199 -38.37 -51.41 -24.23
C ALA A 199 -37.85 -50.30 -25.16
N ASP A 200 -38.78 -49.47 -25.67
CA ASP A 200 -38.42 -48.36 -26.54
C ASP A 200 -38.58 -47.00 -25.83
N ALA A 201 -37.60 -46.71 -24.97
CA ALA A 201 -37.61 -45.55 -24.12
C ALA A 201 -36.60 -44.56 -24.63
N TYR A 202 -36.74 -43.32 -24.22
CA TYR A 202 -35.86 -42.24 -24.63
C TYR A 202 -35.79 -41.21 -23.49
N VAL A 203 -34.75 -40.38 -23.51
CA VAL A 203 -34.53 -39.32 -22.53
C VAL A 203 -34.14 -38.10 -23.30
N SER A 204 -34.90 -37.02 -23.08
CA SER A 204 -34.68 -35.80 -23.80
C SER A 204 -34.48 -34.63 -22.85
N VAL A 205 -33.39 -33.90 -23.06
CA VAL A 205 -33.08 -32.76 -22.22
C VAL A 205 -32.87 -31.58 -23.11
N GLY A 206 -33.56 -30.50 -22.84
CA GLY A 206 -33.35 -29.29 -23.61
C GLY A 206 -33.50 -28.06 -22.80
N SER A 207 -32.73 -27.05 -23.14
CA SER A 207 -32.96 -25.74 -22.61
C SER A 207 -33.12 -24.81 -23.80
N SER A 208 -32.70 -23.57 -23.64
CA SER A 208 -32.83 -22.57 -24.69
C SER A 208 -31.68 -22.76 -25.67
N LYS A 209 -30.57 -23.28 -25.12
CA LYS A 209 -29.25 -23.36 -25.73
C LYS A 209 -28.98 -24.83 -26.10
N TYR A 210 -28.86 -25.64 -25.04
CA TYR A 210 -28.61 -27.07 -25.05
C TYR A 210 -29.81 -27.83 -25.54
N ASN A 211 -29.59 -28.99 -26.16
CA ASN A 211 -30.66 -29.92 -26.49
C ASN A 211 -30.12 -31.26 -27.01
N ARG A 212 -30.41 -32.35 -26.30
CA ARG A 212 -29.91 -33.67 -26.65
C ARG A 212 -30.95 -34.74 -26.37
N ARG A 213 -30.90 -35.81 -27.15
CA ARG A 213 -31.85 -36.90 -27.06
C ARG A 213 -31.09 -38.22 -26.87
N PHE A 214 -31.35 -38.90 -25.77
CA PHE A 214 -30.62 -40.11 -25.41
C PHE A 214 -31.52 -41.33 -25.47
N THR A 215 -30.92 -42.45 -25.81
CA THR A 215 -31.58 -43.75 -25.94
C THR A 215 -30.99 -44.76 -24.95
N PRO A 216 -31.79 -45.75 -24.52
CA PRO A 216 -31.09 -46.81 -23.80
C PRO A 216 -30.20 -47.46 -24.82
N GLU A 217 -29.00 -47.86 -24.45
CA GLU A 217 -28.23 -48.60 -25.44
C GLU A 217 -27.89 -49.94 -24.86
N ILE A 218 -28.90 -50.81 -24.85
CA ILE A 218 -28.81 -52.10 -24.23
C ILE A 218 -27.55 -52.74 -24.77
N ALA A 219 -26.59 -52.97 -23.89
CA ALA A 219 -25.30 -53.55 -24.28
C ALA A 219 -24.49 -53.99 -23.07
N ALA A 220 -24.02 -55.24 -23.11
CA ALA A 220 -23.33 -55.83 -21.99
C ALA A 220 -21.88 -55.50 -22.17
N ARG A 221 -21.27 -54.95 -21.13
CA ARG A 221 -19.90 -54.43 -21.21
C ARG A 221 -19.06 -55.08 -20.13
N PRO A 222 -17.76 -55.29 -20.40
CA PRO A 222 -16.89 -55.85 -19.36
C PRO A 222 -17.11 -55.25 -17.97
N LYS A 223 -17.52 -56.10 -17.03
CA LYS A 223 -17.84 -55.75 -15.65
C LYS A 223 -16.83 -54.77 -15.05
N VAL A 224 -17.27 -53.56 -14.73
CA VAL A 224 -16.35 -52.64 -14.05
C VAL A 224 -16.39 -52.70 -12.52
N ARG A 225 -17.47 -52.29 -11.86
CA ARG A 225 -17.42 -52.45 -10.42
C ARG A 225 -18.46 -53.47 -10.02
N ASP A 226 -18.25 -54.68 -10.57
CA ASP A 226 -19.22 -55.77 -10.59
C ASP A 226 -20.41 -55.49 -11.51
N GLN A 227 -20.35 -54.36 -12.22
CA GLN A 227 -21.43 -53.88 -13.08
C GLN A 227 -21.15 -54.06 -14.56
N ALA A 228 -22.15 -54.54 -15.29
CA ALA A 228 -21.99 -54.79 -16.71
C ALA A 228 -22.86 -53.87 -17.55
N GLY A 229 -23.65 -53.04 -16.89
CA GLY A 229 -24.28 -51.89 -17.53
C GLY A 229 -23.34 -50.68 -17.40
N ARG A 230 -23.68 -49.56 -18.03
CA ARG A 230 -22.93 -48.33 -17.86
C ARG A 230 -23.91 -47.20 -17.67
N MET A 231 -23.43 -46.11 -17.06
CA MET A 231 -24.23 -44.96 -16.77
C MET A 231 -23.43 -43.80 -17.32
N ASN A 232 -24.06 -42.96 -18.13
CA ASN A 232 -23.41 -41.74 -18.62
C ASN A 232 -23.82 -40.48 -17.88
N TYR A 233 -22.86 -39.58 -17.65
CA TYR A 233 -23.12 -38.38 -16.88
C TYR A 233 -22.95 -37.12 -17.70
N TYR A 234 -23.94 -36.23 -17.58
CA TYR A 234 -23.99 -35.01 -18.37
C TYR A 234 -24.14 -33.81 -17.47
N TRP A 235 -23.87 -32.65 -18.04
CA TRP A 235 -24.05 -31.41 -17.31
C TRP A 235 -24.39 -30.32 -18.28
N THR A 236 -24.94 -29.24 -17.76
CA THR A 236 -25.15 -28.06 -18.56
C THR A 236 -25.32 -26.87 -17.66
N LEU A 237 -24.86 -25.72 -18.11
CA LEU A 237 -25.00 -24.48 -17.37
C LEU A 237 -26.22 -23.75 -17.83
N LEU A 238 -27.21 -23.67 -16.95
CA LEU A 238 -28.46 -23.02 -17.29
C LEU A 238 -28.30 -21.53 -16.98
N GLU A 239 -28.62 -20.69 -17.95
CA GLU A 239 -28.35 -19.25 -17.90
C GLU A 239 -29.48 -18.52 -17.16
N PRO A 240 -29.14 -17.43 -16.42
CA PRO A 240 -30.17 -16.70 -15.69
C PRO A 240 -31.33 -16.39 -16.62
N GLY A 241 -32.50 -16.89 -16.27
CA GLY A 241 -33.67 -16.70 -17.10
C GLY A 241 -34.19 -17.98 -17.73
N ASP A 242 -33.31 -18.91 -18.12
CA ASP A 242 -33.75 -20.00 -18.99
C ASP A 242 -34.47 -21.10 -18.26
N THR A 243 -35.21 -21.88 -19.03
CA THR A 243 -35.88 -23.09 -18.58
C THR A 243 -35.07 -24.32 -19.01
N ILE A 244 -35.13 -25.40 -18.23
CA ILE A 244 -34.59 -26.68 -18.66
C ILE A 244 -35.68 -27.72 -18.54
N THR A 245 -35.89 -28.48 -19.60
CA THR A 245 -36.93 -29.50 -19.58
C THR A 245 -36.32 -30.87 -19.71
N PHE A 246 -36.74 -31.76 -18.82
CA PHE A 246 -36.43 -33.17 -18.90
C PHE A 246 -37.67 -33.88 -19.28
N GLU A 247 -37.54 -34.73 -20.29
CA GLU A 247 -38.62 -35.58 -20.74
C GLU A 247 -38.05 -36.97 -20.85
N ALA A 248 -38.73 -37.97 -20.32
CA ALA A 248 -38.19 -39.31 -20.38
C ALA A 248 -39.22 -40.39 -20.15
N THR A 249 -38.97 -41.55 -20.76
CA THR A 249 -39.80 -42.74 -20.55
C THR A 249 -39.00 -43.90 -19.95
N GLY A 250 -37.82 -43.59 -19.39
CA GLY A 250 -36.94 -44.60 -18.77
C GLY A 250 -35.50 -44.12 -18.73
N ASN A 251 -34.60 -44.91 -18.14
CA ASN A 251 -33.16 -44.66 -18.17
C ASN A 251 -32.64 -43.32 -17.61
N LEU A 252 -33.51 -42.49 -17.03
CA LEU A 252 -33.08 -41.18 -16.59
C LEU A 252 -32.61 -41.29 -15.18
N ILE A 253 -31.37 -40.89 -14.94
CA ILE A 253 -30.90 -40.67 -13.58
C ILE A 253 -31.10 -39.18 -13.36
N ALA A 254 -32.25 -38.84 -12.80
CA ALA A 254 -32.72 -37.47 -12.71
C ALA A 254 -31.91 -36.65 -11.76
N PRO A 255 -31.78 -35.35 -12.06
CA PRO A 255 -31.11 -34.47 -11.11
C PRO A 255 -31.91 -34.43 -9.83
N TRP A 256 -31.22 -34.29 -8.70
CA TRP A 256 -31.87 -34.05 -7.42
C TRP A 256 -31.41 -32.73 -6.80
N TYR A 257 -30.10 -32.54 -6.70
CA TYR A 257 -29.52 -31.27 -6.25
C TYR A 257 -28.75 -30.66 -7.41
N ALA A 258 -28.72 -29.33 -7.47
CA ALA A 258 -28.00 -28.60 -8.51
C ALA A 258 -27.28 -27.40 -7.87
N PHE A 259 -26.43 -26.70 -8.64
CA PHE A 259 -25.60 -25.62 -8.09
C PHE A 259 -25.78 -24.23 -8.71
N ALA A 260 -26.09 -23.24 -7.87
CA ALA A 260 -26.04 -21.84 -8.29
C ALA A 260 -24.59 -21.31 -8.17
N LEU A 261 -24.00 -20.91 -9.30
CA LEU A 261 -22.56 -20.62 -9.35
C LEU A 261 -22.17 -19.14 -9.16
N ASN A 262 -21.10 -18.87 -8.44
CA ASN A 262 -20.56 -17.53 -8.35
C ASN A 262 -19.19 -17.49 -8.96
N ARG A 263 -19.07 -16.72 -10.02
CA ARG A 263 -17.78 -16.58 -10.66
C ARG A 263 -16.92 -15.57 -9.94
N GLY A 264 -15.64 -15.84 -9.81
CA GLY A 264 -14.74 -14.89 -9.17
C GLY A 264 -13.27 -15.16 -9.40
N SER A 265 -12.41 -14.50 -8.64
CA SER A 265 -10.97 -14.78 -8.69
C SER A 265 -10.45 -15.81 -7.66
N GLY A 266 -11.31 -16.21 -6.69
CA GLY A 266 -11.22 -17.53 -5.98
C GLY A 266 -11.01 -18.80 -6.85
N SER A 267 -11.27 -18.76 -8.15
CA SER A 267 -10.72 -19.77 -9.04
C SER A 267 -9.27 -20.11 -8.57
N GLY A 268 -8.77 -21.36 -8.58
CA GLY A 268 -9.32 -22.57 -9.20
C GLY A 268 -8.78 -23.88 -8.60
N ILE A 269 -8.18 -24.76 -9.40
CA ILE A 269 -7.95 -26.18 -8.96
C ILE A 269 -6.49 -26.59 -8.85
N ILE A 270 -6.07 -27.17 -7.73
CA ILE A 270 -4.71 -27.72 -7.68
C ILE A 270 -4.63 -29.21 -7.30
N THR A 271 -3.57 -29.89 -7.70
CA THR A 271 -3.27 -31.21 -7.16
C THR A 271 -2.10 -31.08 -6.20
N SER A 272 -2.28 -31.56 -4.97
CA SER A 272 -1.27 -31.38 -3.95
C SER A 272 -1.45 -32.29 -2.75
N ASP A 273 -0.34 -32.72 -2.17
CA ASP A 273 -0.42 -33.52 -0.96
C ASP A 273 0.06 -32.78 0.27
N ALA A 274 0.31 -31.49 0.13
CA ALA A 274 0.64 -30.64 1.25
C ALA A 274 -0.60 -30.58 2.17
N PRO A 275 -0.40 -30.52 3.49
CA PRO A 275 -1.50 -30.41 4.44
C PRO A 275 -2.17 -29.02 4.48
N VAL A 276 -3.48 -29.01 4.73
CA VAL A 276 -4.21 -27.75 4.94
C VAL A 276 -4.06 -27.26 6.37
N HIS A 277 -3.54 -26.05 6.53
CA HIS A 277 -3.42 -25.45 7.84
C HIS A 277 -4.11 -24.08 7.92
N ASP A 278 -4.20 -23.55 9.14
CA ASP A 278 -4.83 -22.24 9.39
C ASP A 278 -3.84 -21.07 9.34
N CYS A 279 -3.19 -20.94 8.19
CA CYS A 279 -2.29 -19.85 7.88
C CYS A 279 -2.90 -19.01 6.76
N ASN A 280 -2.29 -17.87 6.53
CA ASN A 280 -2.77 -16.94 5.54
C ASN A 280 -1.61 -16.64 4.63
N THR A 281 -1.92 -16.48 3.35
CA THR A 281 -0.91 -16.15 2.37
C THR A 281 -1.52 -15.37 1.23
N LYS A 282 -0.67 -14.66 0.50
CA LYS A 282 -1.15 -13.91 -0.64
C LYS A 282 -0.76 -14.66 -1.92
N CYS A 283 -0.16 -15.83 -1.76
CA CYS A 283 0.34 -16.64 -2.89
C CYS A 283 0.53 -18.09 -2.47
N GLN A 284 -0.04 -19.01 -3.25
CA GLN A 284 -0.07 -20.41 -2.85
C GLN A 284 0.40 -21.32 -3.99
N THR A 285 1.24 -22.30 -3.68
CA THR A 285 1.63 -23.30 -4.69
C THR A 285 1.44 -24.69 -4.10
N PRO A 286 1.29 -25.71 -4.96
CA PRO A 286 1.02 -27.04 -4.45
C PRO A 286 2.05 -27.55 -3.44
N HIS A 287 3.23 -26.95 -3.36
CA HIS A 287 4.22 -27.41 -2.43
C HIS A 287 4.04 -26.69 -1.12
N GLY A 288 3.55 -25.46 -1.19
CA GLY A 288 3.40 -24.63 -0.01
C GLY A 288 3.22 -23.18 -0.37
N ALA A 289 2.87 -22.38 0.63
CA ALA A 289 2.65 -20.96 0.44
C ALA A 289 3.97 -20.24 0.29
N ILE A 290 3.97 -19.16 -0.48
CA ILE A 290 5.14 -18.30 -0.64
C ILE A 290 4.79 -16.97 -0.06
N ASN A 291 5.68 -16.43 0.75
CA ASN A 291 5.43 -15.19 1.47
C ASN A 291 6.62 -14.30 1.16
N SER A 292 6.57 -13.56 0.04
CA SER A 292 7.75 -12.95 -0.55
C SER A 292 7.44 -11.84 -1.58
N SER A 293 8.43 -10.97 -1.81
CA SER A 293 8.35 -9.81 -2.73
C SER A 293 9.21 -9.95 -3.95
N LEU A 294 9.89 -11.09 -4.10
CA LEU A 294 10.87 -11.19 -5.18
C LEU A 294 10.16 -11.37 -6.51
N PRO A 295 10.82 -11.00 -7.61
CA PRO A 295 10.15 -11.11 -8.88
C PRO A 295 10.07 -12.55 -9.42
N PHE A 296 10.92 -13.45 -8.93
CA PHE A 296 11.01 -14.81 -9.44
C PHE A 296 10.96 -15.86 -8.35
N GLN A 297 10.37 -17.01 -8.65
CA GLN A 297 10.49 -18.16 -7.77
C GLN A 297 10.74 -19.40 -8.58
N ASN A 298 11.47 -20.35 -8.02
CA ASN A 298 11.66 -21.63 -8.68
C ASN A 298 10.97 -22.77 -7.95
N ILE A 299 9.91 -22.47 -7.21
CA ILE A 299 9.24 -23.47 -6.39
C ILE A 299 8.34 -24.37 -7.21
N HIS A 300 7.42 -23.79 -7.98
CA HIS A 300 6.47 -24.54 -8.79
C HIS A 300 5.84 -23.61 -9.81
N PRO A 301 5.55 -24.13 -11.02
CA PRO A 301 4.89 -23.36 -12.06
C PRO A 301 3.44 -23.02 -11.75
N VAL A 302 2.79 -23.76 -10.87
CA VAL A 302 1.38 -23.53 -10.64
C VAL A 302 1.18 -22.69 -9.39
N THR A 303 0.54 -21.54 -9.54
CA THR A 303 0.32 -20.69 -8.40
C THR A 303 -1.10 -20.14 -8.39
N ILE A 304 -1.59 -19.78 -7.21
CA ILE A 304 -2.88 -19.19 -6.99
C ILE A 304 -2.63 -17.96 -6.10
N GLY A 305 -3.10 -16.79 -6.53
CA GLY A 305 -2.87 -15.54 -5.81
C GLY A 305 -1.93 -14.59 -6.55
N GLU A 306 -1.21 -13.75 -5.82
CA GLU A 306 -0.15 -12.90 -6.40
C GLU A 306 1.25 -13.49 -6.14
N CYS A 307 1.82 -14.08 -7.18
CA CYS A 307 3.06 -14.80 -7.02
C CYS A 307 4.19 -14.29 -7.91
N PRO A 308 5.43 -14.60 -7.53
CA PRO A 308 6.53 -14.28 -8.40
C PRO A 308 6.48 -15.21 -9.60
N LYS A 309 7.09 -14.78 -10.69
CA LYS A 309 7.13 -15.53 -11.91
C LYS A 309 8.00 -16.77 -11.71
N TYR A 310 7.51 -17.92 -12.15
CA TYR A 310 8.27 -19.17 -12.06
C TYR A 310 9.35 -19.27 -13.14
N VAL A 311 10.57 -19.63 -12.76
CA VAL A 311 11.61 -19.89 -13.73
C VAL A 311 12.34 -21.12 -13.29
N ARG A 312 13.11 -21.75 -14.18
CA ARG A 312 13.86 -22.94 -13.82
C ARG A 312 15.20 -22.73 -13.13
N SER A 313 15.62 -21.49 -12.90
CA SER A 313 16.97 -21.24 -12.36
C SER A 313 17.15 -21.74 -10.95
N THR A 314 18.41 -21.87 -10.54
CA THR A 314 18.74 -22.08 -9.13
C THR A 314 19.42 -20.84 -8.51
N LYS A 315 19.70 -19.83 -9.34
CA LYS A 315 20.37 -18.59 -8.90
C LYS A 315 20.14 -17.38 -9.85
N LEU A 316 19.54 -16.32 -9.31
CA LEU A 316 19.40 -15.09 -10.05
C LEU A 316 19.73 -13.99 -9.07
N ARG A 317 21.01 -13.67 -8.96
CA ARG A 317 21.44 -12.63 -8.06
C ARG A 317 22.14 -11.52 -8.81
N MET A 318 21.64 -10.31 -8.59
CA MET A 318 22.12 -9.15 -9.29
C MET A 318 23.11 -8.37 -8.45
N ALA A 319 24.30 -8.13 -9.01
CA ALA A 319 25.28 -7.22 -8.41
C ALA A 319 24.65 -5.86 -8.30
N THR A 320 24.90 -5.20 -7.18
CA THR A 320 24.62 -3.78 -7.08
C THR A 320 25.89 -3.09 -6.71
N GLY A 321 26.68 -3.72 -5.85
CA GLY A 321 27.97 -3.18 -5.42
C GLY A 321 29.14 -3.47 -6.36
N LEU A 322 30.35 -3.27 -5.86
CA LEU A 322 31.53 -3.52 -6.67
C LEU A 322 32.22 -4.83 -6.29
N ARG A 323 33.27 -5.16 -7.05
CA ARG A 323 34.08 -6.33 -6.77
C ARG A 323 34.67 -6.16 -5.38
N ASN A 324 34.50 -7.16 -4.52
CA ASN A 324 34.93 -6.98 -3.13
C ASN A 324 36.34 -7.47 -2.88
N ILE A 325 37.25 -6.51 -2.67
CA ILE A 325 38.68 -6.82 -2.52
C ILE A 325 39.21 -6.33 -1.17
N PRO A 326 38.97 -7.11 -0.08
CA PRO A 326 39.24 -6.61 1.26
C PRO A 326 40.72 -6.43 1.62
N SER A 327 41.64 -6.88 0.77
CA SER A 327 43.08 -6.59 0.93
C SER A 327 44.00 -7.14 -0.19
N ILE A 328 45.31 -6.91 -0.01
CA ILE A 328 46.39 -7.46 -0.84
C ILE A 328 46.54 -8.98 -0.61
N GLY B 1 39.11 -4.72 -14.35
CA GLY B 1 37.97 -4.81 -15.33
C GLY B 1 38.23 -3.98 -16.57
N LEU B 2 37.16 -3.55 -17.23
CA LEU B 2 37.27 -2.79 -18.50
C LEU B 2 38.08 -1.49 -18.43
N PHE B 3 38.01 -0.79 -17.30
CA PHE B 3 38.69 0.48 -17.14
C PHE B 3 39.94 0.41 -16.24
N GLY B 4 40.39 -0.81 -15.98
CA GLY B 4 41.67 -1.10 -15.34
C GLY B 4 42.00 -0.38 -14.05
N ALA B 5 40.98 0.05 -13.31
CA ALA B 5 41.19 0.73 -12.05
C ALA B 5 40.96 -0.24 -10.88
N ILE B 6 39.72 -0.67 -10.71
CA ILE B 6 39.40 -1.66 -9.68
C ILE B 6 40.08 -2.98 -10.00
N ALA B 7 40.79 -3.53 -9.02
CA ALA B 7 41.58 -4.74 -9.17
C ALA B 7 42.54 -4.53 -10.32
N GLY B 8 42.81 -3.25 -10.59
CA GLY B 8 43.63 -2.85 -11.72
C GLY B 8 44.77 -2.03 -11.19
N PHE B 9 44.84 -0.78 -11.62
CA PHE B 9 45.90 0.11 -11.18
C PHE B 9 45.73 0.57 -9.75
N ILE B 10 44.52 0.46 -9.22
CA ILE B 10 44.31 0.58 -7.79
C ILE B 10 44.07 -0.85 -7.28
N GLU B 11 45.08 -1.41 -6.62
CA GLU B 11 45.14 -2.86 -6.40
C GLU B 11 44.07 -3.46 -5.49
N GLY B 12 43.48 -2.66 -4.60
CA GLY B 12 42.51 -3.19 -3.65
C GLY B 12 41.52 -2.21 -3.07
N GLY B 13 40.54 -2.71 -2.33
CA GLY B 13 39.53 -1.85 -1.70
C GLY B 13 39.88 -1.41 -0.29
N TRP B 14 39.06 -0.52 0.26
CA TRP B 14 39.26 -0.02 1.62
C TRP B 14 38.16 -0.45 2.56
N THR B 15 38.42 -1.47 3.37
CA THR B 15 37.45 -1.87 4.39
C THR B 15 37.23 -0.73 5.39
N GLY B 16 38.14 0.24 5.43
CA GLY B 16 37.99 1.38 6.30
C GLY B 16 37.15 2.52 5.74
N MET B 17 36.49 2.34 4.61
CA MET B 17 35.69 3.43 4.06
C MET B 17 34.21 3.13 4.06
N ILE B 18 33.61 3.44 5.20
CA ILE B 18 32.25 3.06 5.53
C ILE B 18 31.17 3.88 4.81
N ASP B 19 31.47 5.16 4.57
CA ASP B 19 30.49 6.17 4.12
C ASP B 19 30.09 6.15 2.62
N GLY B 20 30.69 5.28 1.81
CA GLY B 20 30.39 5.31 0.39
C GLY B 20 31.10 4.26 -0.41
N TRP B 21 30.92 4.31 -1.73
CA TRP B 21 31.53 3.33 -2.62
C TRP B 21 32.85 3.85 -3.17
N TYR B 22 33.00 5.17 -3.27
CA TYR B 22 34.22 5.75 -3.79
C TYR B 22 34.57 6.92 -2.93
N GLY B 23 35.86 7.20 -2.83
CA GLY B 23 36.31 8.28 -1.97
C GLY B 23 37.80 8.46 -1.93
N TYR B 24 38.24 9.11 -0.84
CA TYR B 24 39.59 9.65 -0.73
C TYR B 24 40.24 9.31 0.60
N HIS B 25 41.53 8.95 0.56
CA HIS B 25 42.35 8.85 1.78
C HIS B 25 43.42 9.95 1.81
N HIS B 26 43.44 10.72 2.89
CA HIS B 26 44.37 11.85 2.96
C HIS B 26 45.43 11.68 4.05
N GLN B 27 46.62 12.24 3.80
CA GLN B 27 47.66 12.33 4.81
C GLN B 27 48.36 13.69 4.76
N ASN B 28 48.25 14.44 5.84
CA ASN B 28 48.86 15.75 5.95
C ASN B 28 49.63 15.87 7.27
N GLU B 29 49.81 17.10 7.76
CA GLU B 29 50.35 17.30 9.09
C GLU B 29 49.30 16.97 10.16
N GLN B 30 48.06 17.40 9.96
CA GLN B 30 47.00 17.21 10.97
C GLN B 30 46.64 15.74 11.24
N GLY B 31 46.85 14.85 10.25
CA GLY B 31 46.60 13.40 10.44
C GLY B 31 46.20 12.58 9.23
N SER B 32 45.37 11.57 9.47
CA SER B 32 44.86 10.68 8.42
C SER B 32 43.37 10.56 8.53
N GLY B 33 42.71 10.51 7.37
CA GLY B 33 41.27 10.29 7.30
C GLY B 33 40.77 9.73 5.98
N TYR B 34 39.57 9.16 6.06
CA TYR B 34 38.79 8.73 4.90
C TYR B 34 37.64 9.68 4.69
N ALA B 35 37.17 9.77 3.45
CA ALA B 35 36.00 10.56 3.10
C ALA B 35 35.39 9.99 1.84
N ALA B 36 34.08 9.77 1.86
CA ALA B 36 33.39 9.32 0.66
C ALA B 36 33.14 10.47 -0.31
N ASP B 37 33.18 10.17 -1.61
CA ASP B 37 32.69 11.12 -2.61
C ASP B 37 31.18 10.95 -2.67
N GLN B 38 30.49 11.80 -1.92
CA GLN B 38 29.08 11.65 -1.75
C GLN B 38 28.35 11.70 -3.07
N LYS B 39 28.78 12.62 -3.93
CA LYS B 39 28.12 12.87 -5.22
C LYS B 39 28.22 11.72 -6.21
N SER B 40 29.41 11.16 -6.40
CA SER B 40 29.53 10.04 -7.32
C SER B 40 28.92 8.76 -6.76
N THR B 41 29.04 8.56 -5.44
CA THR B 41 28.38 7.42 -4.82
C THR B 41 26.88 7.55 -5.07
N GLN B 42 26.40 8.78 -4.98
CA GLN B 42 24.99 9.01 -5.14
C GLN B 42 24.59 8.72 -6.57
N ASN B 43 25.39 9.23 -7.52
CA ASN B 43 25.16 8.99 -8.95
CA ASN B 43 25.06 8.99 -8.90
C ASN B 43 25.00 7.51 -9.20
N ALA B 44 25.98 6.78 -8.67
CA ALA B 44 26.03 5.33 -8.77
C ALA B 44 24.79 4.69 -8.19
N ILE B 45 24.43 5.05 -6.96
CA ILE B 45 23.30 4.44 -6.29
C ILE B 45 22.03 4.60 -7.12
N ASP B 46 21.80 5.82 -7.61
CA ASP B 46 20.66 6.11 -8.46
C ASP B 46 20.71 5.31 -9.74
N GLY B 47 21.85 5.33 -10.42
CA GLY B 47 22.05 4.52 -11.61
C GLY B 47 21.71 3.07 -11.38
N ILE B 48 22.25 2.49 -10.32
CA ILE B 48 22.08 1.06 -10.07
C ILE B 48 20.66 0.69 -9.68
N THR B 49 20.04 1.53 -8.86
CA THR B 49 18.68 1.28 -8.44
C THR B 49 17.76 1.33 -9.64
N ASN B 50 18.02 2.28 -10.53
CA ASN B 50 17.24 2.43 -11.73
C ASN B 50 17.37 1.21 -12.63
N LYS B 51 18.60 0.74 -12.81
CA LYS B 51 18.84 -0.51 -13.52
C LYS B 51 18.05 -1.63 -12.93
N VAL B 52 18.13 -1.79 -11.62
CA VAL B 52 17.44 -2.90 -10.99
C VAL B 52 15.95 -2.77 -11.22
N ASN B 53 15.41 -1.57 -11.02
CA ASN B 53 14.00 -1.39 -11.24
C ASN B 53 13.49 -1.70 -12.66
N SER B 54 14.31 -1.42 -13.67
CA SER B 54 13.92 -1.60 -15.07
C SER B 54 13.75 -3.04 -15.48
N VAL B 55 14.77 -3.83 -15.18
CA VAL B 55 14.76 -5.28 -15.32
C VAL B 55 13.51 -5.88 -14.67
N ILE B 56 13.14 -5.39 -13.49
CA ILE B 56 12.02 -5.94 -12.75
C ILE B 56 10.67 -5.35 -13.17
N GLU B 57 10.59 -4.01 -13.22
CA GLU B 57 9.38 -3.30 -13.65
C GLU B 57 8.81 -3.86 -14.93
N LYS B 58 9.70 -4.24 -15.84
CA LYS B 58 9.30 -4.91 -17.06
C LYS B 58 8.35 -6.08 -16.72
N MET B 59 8.93 -7.21 -16.27
CA MET B 59 8.25 -8.50 -16.01
C MET B 59 6.83 -8.35 -15.42
N ASN B 60 5.90 -9.13 -15.95
CA ASN B 60 4.50 -9.07 -15.52
C ASN B 60 3.65 -10.30 -15.92
N THR B 61 2.50 -10.45 -15.23
CA THR B 61 1.33 -11.34 -15.54
C THR B 61 1.46 -12.65 -16.34
N GLN B 62 0.76 -13.70 -15.86
CA GLN B 62 0.43 -14.92 -16.67
C GLN B 62 -0.76 -15.67 -16.03
N ALA B 65 -0.11 -19.60 -14.64
CA ALA B 65 -0.40 -20.96 -15.13
C ALA B 65 -1.61 -21.62 -14.41
N VAL B 66 -2.39 -22.35 -15.21
CA VAL B 66 -3.76 -22.74 -14.83
C VAL B 66 -4.07 -24.17 -15.29
N GLY B 67 -3.30 -25.15 -14.79
CA GLY B 67 -3.37 -26.56 -15.27
C GLY B 67 -4.65 -27.07 -15.93
N LYS B 68 -4.50 -27.67 -17.11
CA LYS B 68 -5.64 -28.23 -17.90
C LYS B 68 -5.64 -29.79 -17.99
N GLU B 69 -6.81 -30.36 -18.27
CA GLU B 69 -6.90 -31.79 -18.48
C GLU B 69 -7.48 -32.14 -19.83
N PHE B 70 -7.08 -33.31 -20.34
CA PHE B 70 -7.48 -33.77 -21.67
C PHE B 70 -7.79 -35.24 -21.58
N ASN B 71 -8.67 -35.73 -22.44
CA ASN B 71 -9.03 -37.15 -22.39
C ASN B 71 -8.16 -37.97 -23.33
N ASN B 72 -8.42 -39.29 -23.38
CA ASN B 72 -7.57 -40.18 -24.12
C ASN B 72 -7.56 -39.94 -25.64
N LEU B 73 -8.59 -39.24 -26.14
CA LEU B 73 -8.67 -38.92 -27.55
C LEU B 73 -8.33 -37.46 -27.85
N GLU B 74 -7.65 -36.78 -26.92
CA GLU B 74 -7.28 -35.37 -27.08
C GLU B 74 -5.77 -35.18 -26.96
N ARG B 75 -5.03 -36.19 -27.40
CA ARG B 75 -3.57 -36.25 -27.20
C ARG B 75 -2.81 -35.16 -27.95
N ARG B 76 -3.30 -34.76 -29.11
CA ARG B 76 -2.72 -33.65 -29.87
C ARG B 76 -2.85 -32.28 -29.19
N ILE B 77 -4.03 -31.92 -28.71
CA ILE B 77 -4.12 -30.63 -28.03
C ILE B 77 -3.41 -30.67 -26.69
N GLU B 78 -3.23 -31.86 -26.11
CA GLU B 78 -2.51 -31.96 -24.87
C GLU B 78 -1.03 -31.68 -25.10
N ASN B 79 -0.49 -32.27 -26.16
CA ASN B 79 0.91 -32.06 -26.47
C ASN B 79 1.17 -30.61 -26.84
N LEU B 80 0.20 -29.96 -27.46
CA LEU B 80 0.35 -28.57 -27.84
C LEU B 80 0.36 -27.70 -26.60
N ASN B 81 -0.52 -27.99 -25.65
CA ASN B 81 -0.57 -27.26 -24.42
C ASN B 81 0.76 -27.35 -23.69
N LYS B 82 1.33 -28.55 -23.62
CA LYS B 82 2.61 -28.73 -23.00
C LYS B 82 3.68 -28.03 -23.82
N LYS B 83 3.66 -28.23 -25.13
CA LYS B 83 4.58 -27.52 -25.98
C LYS B 83 4.52 -26.02 -25.65
N VAL B 84 3.34 -25.46 -25.45
CA VAL B 84 3.24 -24.03 -25.15
C VAL B 84 3.84 -23.67 -23.80
N ASP B 85 3.49 -24.44 -22.78
CA ASP B 85 3.92 -24.19 -21.42
C ASP B 85 5.44 -24.26 -21.29
N ASP B 86 6.03 -25.30 -21.85
CA ASP B 86 7.48 -25.46 -21.85
C ASP B 86 8.18 -24.41 -22.68
N GLY B 87 7.57 -24.05 -23.80
CA GLY B 87 8.13 -23.05 -24.71
C GLY B 87 8.32 -21.71 -24.05
N PHE B 88 7.30 -21.25 -23.31
CA PHE B 88 7.39 -19.96 -22.63
C PHE B 88 8.31 -20.08 -21.42
N LEU B 89 8.21 -21.18 -20.70
CA LEU B 89 9.04 -21.35 -19.54
C LEU B 89 10.56 -21.26 -19.85
N ASP B 90 11.01 -21.88 -20.94
CA ASP B 90 12.39 -21.76 -21.39
C ASP B 90 12.74 -20.36 -21.85
N ILE B 91 11.79 -19.66 -22.50
CA ILE B 91 12.11 -18.31 -22.94
C ILE B 91 12.32 -17.46 -21.72
N TRP B 92 11.30 -17.40 -20.86
CA TRP B 92 11.40 -16.64 -19.64
C TRP B 92 12.58 -17.04 -18.77
N THR B 93 12.96 -18.32 -18.75
CA THR B 93 14.13 -18.69 -17.97
C THR B 93 15.39 -18.12 -18.58
N TYR B 94 15.51 -18.22 -19.91
CA TYR B 94 16.72 -17.77 -20.63
C TYR B 94 16.83 -16.26 -20.46
N ASN B 95 15.74 -15.57 -20.74
CA ASN B 95 15.72 -14.14 -20.61
C ASN B 95 16.30 -13.77 -19.27
N ALA B 96 15.71 -14.31 -18.22
CA ALA B 96 16.04 -13.88 -16.88
C ALA B 96 17.51 -14.13 -16.60
N GLU B 97 17.99 -15.34 -16.88
CA GLU B 97 19.34 -15.72 -16.49
C GLU B 97 20.39 -14.88 -17.21
N LEU B 98 20.13 -14.66 -18.48
CA LEU B 98 21.03 -13.95 -19.32
C LEU B 98 20.93 -12.45 -19.12
N LEU B 99 19.74 -11.95 -18.84
CA LEU B 99 19.62 -10.53 -18.54
C LEU B 99 20.44 -10.17 -17.27
N VAL B 100 20.48 -11.11 -16.33
CA VAL B 100 21.24 -10.93 -15.12
C VAL B 100 22.73 -11.08 -15.39
N LEU B 101 23.14 -12.02 -16.23
CA LEU B 101 24.57 -12.19 -16.51
C LEU B 101 25.09 -10.94 -17.20
N LEU B 102 24.31 -10.44 -18.14
CA LEU B 102 24.69 -9.25 -18.86
C LEU B 102 24.82 -8.03 -17.97
N GLU B 103 23.80 -7.73 -17.15
CA GLU B 103 23.83 -6.54 -16.33
C GLU B 103 24.86 -6.60 -15.19
N ASN B 104 25.21 -7.81 -14.74
CA ASN B 104 26.23 -7.94 -13.71
C ASN B 104 27.57 -7.51 -14.25
N GLU B 105 27.87 -8.01 -15.45
CA GLU B 105 29.05 -7.67 -16.19
C GLU B 105 29.11 -6.16 -16.32
N ARG B 106 27.99 -5.55 -16.66
CA ARG B 106 28.00 -4.11 -16.95
C ARG B 106 28.14 -3.26 -15.69
N THR B 107 27.55 -3.71 -14.60
CA THR B 107 27.60 -3.00 -13.34
C THR B 107 29.00 -2.94 -12.77
N LEU B 108 29.70 -4.07 -12.74
CA LEU B 108 31.06 -4.09 -12.24
C LEU B 108 31.97 -3.18 -13.10
N ASP B 109 31.65 -3.05 -14.38
CA ASP B 109 32.39 -2.14 -15.26
C ASP B 109 32.02 -0.68 -15.00
N PHE B 110 30.75 -0.44 -14.70
CA PHE B 110 30.26 0.88 -14.31
C PHE B 110 31.07 1.38 -13.10
N HIS B 111 31.17 0.55 -12.06
CA HIS B 111 31.83 0.93 -10.84
C HIS B 111 33.25 1.22 -11.12
N ASP B 112 33.86 0.37 -11.94
CA ASP B 112 35.25 0.49 -12.37
C ASP B 112 35.46 1.85 -13.02
N SER B 113 34.54 2.21 -13.92
CA SER B 113 34.59 3.47 -14.62
C SER B 113 34.51 4.63 -13.66
N ASN B 114 33.56 4.56 -12.74
CA ASN B 114 33.39 5.60 -11.73
C ASN B 114 34.68 5.92 -10.98
N VAL B 115 35.44 4.88 -10.67
CA VAL B 115 36.68 5.01 -9.91
C VAL B 115 37.73 5.68 -10.78
N ARG B 116 37.97 5.13 -11.97
CA ARG B 116 38.89 5.71 -12.92
C ARG B 116 38.55 7.17 -13.12
N ASN B 117 37.27 7.47 -13.29
CA ASN B 117 36.82 8.83 -13.54
C ASN B 117 37.03 9.74 -12.35
N LEU B 118 36.92 9.20 -11.15
CA LEU B 118 37.20 9.97 -9.96
C LEU B 118 38.67 10.30 -9.89
N TYR B 119 39.53 9.30 -10.10
CA TYR B 119 40.98 9.48 -10.09
C TYR B 119 41.41 10.51 -11.15
N GLU B 120 40.71 10.55 -12.27
CA GLU B 120 41.09 11.43 -13.36
C GLU B 120 40.66 12.86 -13.06
N LYS B 121 39.56 13.01 -12.33
CA LYS B 121 39.05 14.32 -11.91
C LYS B 121 40.07 15.04 -11.01
N VAL B 122 40.73 14.28 -10.14
CA VAL B 122 41.77 14.80 -9.29
C VAL B 122 43.04 15.16 -10.08
N LYS B 123 43.58 14.17 -10.80
CA LYS B 123 44.76 14.37 -11.62
C LYS B 123 44.61 15.65 -12.40
N SER B 124 43.42 15.81 -12.99
CA SER B 124 43.05 16.99 -13.75
C SER B 124 43.22 18.32 -12.99
N GLN B 125 42.77 18.38 -11.74
CA GLN B 125 42.86 19.56 -10.88
C GLN B 125 44.29 19.88 -10.50
N LEU B 126 44.95 18.88 -9.91
CA LEU B 126 46.30 19.02 -9.39
C LEU B 126 47.37 19.29 -10.44
N LYS B 127 47.13 18.91 -11.70
CA LYS B 127 48.15 19.01 -12.74
C LYS B 127 49.57 18.66 -12.26
N ASN B 128 50.54 19.55 -12.49
CA ASN B 128 51.93 19.31 -12.03
C ASN B 128 52.29 19.83 -10.62
N ASN B 129 51.28 20.20 -9.84
CA ASN B 129 51.45 20.55 -8.42
C ASN B 129 51.62 19.34 -7.49
N ALA B 130 51.55 18.14 -8.06
CA ALA B 130 51.71 16.88 -7.33
C ALA B 130 52.01 15.80 -8.34
N LYS B 131 52.81 14.81 -7.97
CA LYS B 131 53.13 13.74 -8.90
C LYS B 131 52.27 12.52 -8.61
N GLU B 132 52.13 11.66 -9.63
CA GLU B 132 51.44 10.39 -9.46
C GLU B 132 52.48 9.38 -8.97
N ILE B 133 52.18 8.74 -7.85
CA ILE B 133 53.12 7.78 -7.27
C ILE B 133 52.59 6.35 -7.32
N GLY B 134 51.54 6.14 -8.12
CA GLY B 134 50.95 4.82 -8.37
C GLY B 134 49.88 4.44 -7.38
N ASN B 135 49.19 3.34 -7.64
CA ASN B 135 48.11 2.85 -6.77
C ASN B 135 47.06 3.92 -6.43
N GLY B 136 46.89 4.85 -7.37
CA GLY B 136 45.92 5.91 -7.24
C GLY B 136 46.29 6.91 -6.19
N CYS B 137 47.58 7.17 -6.03
CA CYS B 137 48.03 8.10 -5.00
C CYS B 137 48.73 9.33 -5.56
N PHE B 138 48.45 10.46 -4.92
CA PHE B 138 49.02 11.73 -5.31
C PHE B 138 49.87 12.34 -4.20
N GLU B 139 51.18 12.38 -4.42
CA GLU B 139 52.12 13.03 -3.50
C GLU B 139 52.25 14.52 -3.85
N PHE B 140 51.96 15.36 -2.88
CA PHE B 140 51.94 16.80 -3.10
C PHE B 140 53.32 17.43 -3.11
N TYR B 141 53.55 18.28 -4.10
CA TYR B 141 54.76 19.08 -4.12
C TYR B 141 54.69 20.23 -3.11
N HIS B 142 53.51 20.50 -2.60
CA HIS B 142 53.31 21.59 -1.65
C HIS B 142 52.65 21.11 -0.35
N LYS B 143 52.38 22.08 0.52
CA LYS B 143 51.80 21.84 1.83
C LYS B 143 50.29 21.90 1.68
N CYS B 144 49.64 20.80 2.01
CA CYS B 144 48.20 20.69 1.89
C CYS B 144 47.59 20.34 3.25
N ASP B 145 47.02 21.35 3.89
CA ASP B 145 46.28 21.20 5.13
C ASP B 145 44.86 20.69 4.89
N ASP B 146 44.08 20.57 5.97
CA ASP B 146 42.72 20.07 5.92
C ASP B 146 41.80 20.86 5.02
N ALA B 147 42.03 22.17 4.94
CA ALA B 147 41.25 23.05 4.06
C ALA B 147 41.55 22.77 2.58
N CYS B 148 42.80 22.43 2.30
CA CYS B 148 43.27 22.20 0.96
C CYS B 148 42.78 20.84 0.44
N MET B 149 42.69 19.85 1.33
CA MET B 149 42.16 18.53 1.00
C MET B 149 40.68 18.60 0.66
N GLU B 150 39.91 19.26 1.51
CA GLU B 150 38.49 19.52 1.26
C GLU B 150 38.29 20.18 -0.10
N SER B 151 39.18 21.10 -0.47
CA SER B 151 39.10 21.78 -1.77
C SER B 151 39.28 20.82 -2.96
N VAL B 152 40.06 19.77 -2.77
CA VAL B 152 40.20 18.74 -3.79
C VAL B 152 38.90 17.94 -3.90
N ARG B 153 38.38 17.44 -2.78
CA ARG B 153 37.20 16.57 -2.76
C ARG B 153 35.92 17.22 -3.26
N ASN B 154 35.73 18.52 -2.99
CA ASN B 154 34.59 19.24 -3.55
C ASN B 154 34.89 19.85 -4.91
N GLY B 155 36.06 19.52 -5.45
CA GLY B 155 36.45 19.87 -6.82
C GLY B 155 36.80 21.33 -7.05
N THR B 156 36.80 22.13 -5.98
CA THR B 156 37.12 23.56 -6.07
C THR B 156 38.50 23.84 -5.49
N TYR B 157 39.51 23.23 -6.09
CA TYR B 157 40.90 23.40 -5.66
C TYR B 157 41.48 24.59 -6.39
N ASP B 158 42.09 25.51 -5.63
CA ASP B 158 42.76 26.70 -6.20
C ASP B 158 44.14 26.31 -6.71
N TYR B 159 44.29 26.13 -8.03
CA TYR B 159 45.54 25.62 -8.60
C TYR B 159 46.75 26.55 -8.48
N PRO B 160 46.62 27.83 -8.95
CA PRO B 160 47.75 28.76 -8.93
C PRO B 160 48.21 29.17 -7.52
N LYS B 161 47.27 29.14 -6.57
CA LYS B 161 47.54 29.44 -5.16
C LYS B 161 48.82 28.77 -4.63
N TYR B 162 48.99 27.49 -4.94
CA TYR B 162 50.13 26.71 -4.48
C TYR B 162 51.13 26.40 -5.62
N SER B 163 50.91 27.00 -6.79
CA SER B 163 51.72 26.63 -7.97
C SER B 163 53.16 27.09 -7.84
N GLU B 164 53.35 28.27 -7.25
CA GLU B 164 54.68 28.87 -7.13
C GLU B 164 55.53 28.13 -6.11
N GLU B 165 54.91 27.72 -5.00
CA GLU B 165 55.57 26.89 -3.99
C GLU B 165 55.96 25.50 -4.54
N SER B 166 55.17 25.02 -5.51
CA SER B 166 55.37 23.69 -6.09
C SER B 166 56.39 23.66 -7.22
N LYS B 167 56.51 24.78 -7.94
CA LYS B 167 57.54 24.94 -8.99
C LYS B 167 58.93 24.71 -8.43
N LEU B 168 59.23 25.43 -7.34
CA LEU B 168 60.56 25.42 -6.74
C LEU B 168 60.94 24.10 -6.06
N ASN B 169 59.94 23.25 -5.81
CA ASN B 169 60.18 21.94 -5.21
C ASN B 169 60.47 20.82 -6.21
N ARG B 170 59.95 20.96 -7.43
CA ARG B 170 60.26 20.03 -8.52
C ARG B 170 61.67 20.24 -9.07
N GLU B 171 62.11 21.51 -9.10
CA GLU B 171 63.45 21.88 -9.62
C GLU B 171 64.60 21.25 -8.82
N GLU B 172 64.47 21.28 -7.50
CA GLU B 172 65.49 20.74 -6.60
C GLU B 172 65.15 19.33 -6.10
N ILE B 173 64.54 19.22 -4.92
CA ILE B 173 64.17 17.93 -4.32
C ILE B 173 62.80 17.45 -4.78
N GLN C 1 7.47 5.64 -9.80
CA GLN C 1 8.49 5.05 -8.86
C GLN C 1 7.92 4.85 -7.43
N VAL C 2 8.76 4.43 -6.49
CA VAL C 2 8.33 4.06 -5.13
C VAL C 2 7.12 4.82 -4.58
N GLN C 3 6.10 4.03 -4.28
CA GLN C 3 4.98 4.41 -3.43
C GLN C 3 5.21 3.66 -2.10
N LEU C 4 5.11 4.38 -0.98
CA LEU C 4 5.17 3.75 0.33
C LEU C 4 3.78 3.73 0.93
N VAL C 5 3.21 2.54 1.08
CA VAL C 5 1.84 2.46 1.56
C VAL C 5 1.84 2.17 3.04
N GLN C 6 1.37 3.14 3.80
CA GLN C 6 1.40 3.07 5.26
C GLN C 6 0.17 2.38 5.82
N SER C 7 0.35 1.81 7.00
CA SER C 7 -0.64 0.89 7.54
C SER C 7 -0.56 0.83 9.07
N GLY C 8 -1.70 0.58 9.71
CA GLY C 8 -1.71 0.40 11.17
C GLY C 8 -1.89 1.61 12.07
N GLY C 9 -2.41 2.71 11.52
CA GLY C 9 -2.87 3.83 12.34
C GLY C 9 -4.13 3.45 13.11
N GLY C 10 -4.42 4.19 14.18
CA GLY C 10 -5.58 3.85 14.99
C GLY C 10 -5.65 4.52 16.36
N VAL C 11 -6.82 4.39 16.97
CA VAL C 11 -7.10 4.97 18.29
C VAL C 11 -6.60 4.01 19.36
N VAL C 12 -5.84 4.53 20.32
CA VAL C 12 -5.24 3.67 21.33
C VAL C 12 -5.18 4.34 22.70
N GLN C 13 -5.06 3.53 23.75
CA GLN C 13 -5.04 4.04 25.11
C GLN C 13 -3.64 4.07 25.71
N PRO C 14 -3.31 5.19 26.45
CA PRO C 14 -1.95 5.38 26.99
C PRO C 14 -1.48 4.17 27.80
N GLY C 15 -0.25 3.71 27.54
CA GLY C 15 0.25 2.48 28.11
C GLY C 15 0.20 1.35 27.09
N ARG C 16 -1.00 1.04 26.59
CA ARG C 16 -1.19 -0.02 25.59
C ARG C 16 -0.43 0.29 24.29
N SER C 17 -0.22 -0.73 23.46
CA SER C 17 0.77 -0.73 22.38
C SER C 17 0.17 -0.59 20.98
N LEU C 18 1.02 -0.18 20.02
CA LEU C 18 0.64 -0.13 18.59
C LEU C 18 1.81 -0.34 17.63
N ARG C 19 1.53 -1.02 16.51
CA ARG C 19 2.54 -1.26 15.48
C ARG C 19 2.18 -0.64 14.13
N LEU C 20 3.14 0.10 13.57
CA LEU C 20 2.98 0.74 12.29
C LEU C 20 3.74 0.04 11.17
N SER C 21 3.23 0.20 9.95
CA SER C 21 3.81 -0.41 8.76
C SER C 21 4.09 0.56 7.63
N CYS C 22 5.12 0.24 6.88
CA CYS C 22 5.50 0.98 5.70
C CYS C 22 5.99 -0.04 4.67
N ALA C 23 5.12 -0.32 3.69
CA ALA C 23 5.35 -1.31 2.64
C ALA C 23 5.61 -0.64 1.29
N ALA C 24 6.75 -0.96 0.68
CA ALA C 24 7.12 -0.30 -0.55
C ALA C 24 6.67 -1.09 -1.75
N SER C 25 6.17 -0.41 -2.76
CA SER C 25 5.67 -1.09 -3.95
C SER C 25 6.77 -1.62 -4.87
N GLU C 26 8.01 -1.19 -4.65
CA GLU C 26 9.12 -1.42 -5.56
C GLU C 26 10.31 -2.12 -4.92
N PHE C 27 10.77 -3.18 -5.58
CA PHE C 27 11.84 -4.05 -5.10
C PHE C 27 13.03 -3.33 -4.51
N THR C 28 13.48 -2.25 -5.15
CA THR C 28 14.70 -1.57 -4.75
C THR C 28 14.66 -0.95 -3.37
N PHE C 29 13.50 -1.02 -2.72
CA PHE C 29 13.34 -0.35 -1.43
C PHE C 29 14.27 -0.96 -0.40
N ARG C 30 14.45 -2.27 -0.51
CA ARG C 30 15.28 -3.04 0.40
C ARG C 30 16.77 -2.64 0.35
N MET C 31 17.11 -1.69 -0.52
CA MET C 31 18.46 -1.14 -0.60
C MET C 31 18.58 0.24 0.07
N TYR C 32 17.56 0.67 0.80
CA TYR C 32 17.55 2.02 1.36
C TYR C 32 17.19 1.97 2.81
N ALA C 33 17.67 2.95 3.56
CA ALA C 33 17.27 3.05 4.96
C ALA C 33 15.91 3.72 5.00
N THR C 34 15.25 3.66 6.15
CA THR C 34 13.91 4.22 6.27
C THR C 34 13.76 5.03 7.54
N HIS C 35 13.26 6.25 7.33
CA HIS C 35 12.96 7.16 8.43
C HIS C 35 11.51 7.05 8.86
N TRP C 36 11.27 7.30 10.15
CA TRP C 36 9.92 7.62 10.63
C TRP C 36 9.93 9.04 11.19
N VAL C 37 8.95 9.82 10.76
CA VAL C 37 8.79 11.21 11.18
C VAL C 37 7.34 11.37 11.58
N ARG C 38 7.06 12.23 12.56
CA ARG C 38 5.68 12.42 13.00
C ARG C 38 5.30 13.89 13.12
N GLN C 39 4.01 14.17 13.20
CA GLN C 39 3.52 15.55 13.29
C GLN C 39 2.25 15.71 14.14
N ALA C 40 2.46 16.14 15.38
CA ALA C 40 1.38 16.45 16.31
C ALA C 40 0.43 17.43 15.62
N PRO C 41 -0.89 17.23 15.79
CA PRO C 41 -1.89 18.10 15.14
C PRO C 41 -1.58 19.60 15.24
N GLY C 42 -1.59 20.27 14.09
CA GLY C 42 -1.28 21.70 13.99
C GLY C 42 0.17 22.06 14.27
N LYS C 43 1.00 21.05 14.56
CA LYS C 43 2.39 21.28 14.99
C LYS C 43 3.48 20.97 13.92
N GLY C 44 4.74 21.06 14.32
CA GLY C 44 5.87 20.82 13.45
C GLY C 44 6.23 19.36 13.24
N LEU C 45 7.21 19.13 12.36
CA LEU C 45 7.67 17.78 12.07
C LEU C 45 8.67 17.41 13.14
N GLU C 46 8.67 16.14 13.55
CA GLU C 46 9.64 15.64 14.50
C GLU C 46 10.19 14.29 14.07
N TRP C 47 11.51 14.22 13.93
CA TRP C 47 12.15 12.98 13.58
C TRP C 47 11.96 11.96 14.68
N VAL C 48 11.78 10.70 14.33
CA VAL C 48 11.49 9.64 15.30
C VAL C 48 12.57 8.57 15.27
N ALA C 49 12.79 7.97 14.08
CA ALA C 49 13.67 6.81 13.99
C ALA C 49 14.19 6.47 12.59
N LEU C 50 15.30 5.75 12.53
CA LEU C 50 15.83 5.24 11.28
C LEU C 50 16.27 3.79 11.47
N ILE C 51 16.24 3.00 10.39
CA ILE C 51 16.84 1.67 10.35
C ILE C 51 17.60 1.56 9.03
N SER C 52 18.81 1.00 9.03
CA SER C 52 19.60 0.89 7.79
C SER C 52 18.97 -0.18 6.89
N TYR C 53 19.46 -0.33 5.65
CA TYR C 53 18.92 -1.38 4.75
C TYR C 53 18.88 -2.83 5.22
N ASP C 54 19.84 -3.25 6.06
CA ASP C 54 19.80 -4.60 6.65
C ASP C 54 19.06 -4.66 7.96
N GLY C 55 19.04 -3.57 8.68
CA GLY C 55 18.51 -3.60 10.04
C GLY C 55 19.68 -3.57 10.99
N SER C 56 20.87 -3.60 10.40
CA SER C 56 22.17 -3.46 11.07
C SER C 56 22.18 -2.44 12.21
N ASN C 57 21.54 -1.30 11.96
CA ASN C 57 21.36 -0.16 12.90
C ASN C 57 20.50 0.83 12.15
N LYS C 58 19.54 1.56 12.73
CA LYS C 58 18.90 1.48 14.06
C LYS C 58 19.21 2.66 15.01
N TYR C 59 18.37 3.71 14.89
CA TYR C 59 18.55 5.03 15.54
C TYR C 59 17.24 5.66 15.95
N TYR C 60 17.24 6.35 17.08
CA TYR C 60 16.01 6.90 17.63
C TYR C 60 16.16 8.32 18.13
N ALA C 61 15.02 9.00 18.28
CA ALA C 61 14.97 10.32 18.88
C ALA C 61 15.19 10.13 20.38
N ASP C 62 15.11 11.22 21.13
CA ASP C 62 15.17 11.09 22.58
C ASP C 62 13.73 11.12 23.12
N SER C 63 12.90 11.94 22.49
CA SER C 63 11.45 11.96 22.71
C SER C 63 10.97 10.54 22.91
N VAL C 64 11.57 9.62 22.17
CA VAL C 64 11.20 8.22 22.25
C VAL C 64 12.42 7.33 22.02
N LYS C 65 12.56 6.31 22.85
CA LYS C 65 13.78 5.52 22.97
C LYS C 65 13.55 4.59 24.16
N GLY C 66 13.69 3.30 23.93
CA GLY C 66 13.27 2.30 24.90
C GLY C 66 11.75 2.15 24.97
N ARG C 67 11.00 2.88 24.15
CA ARG C 67 9.55 2.68 24.02
C ARG C 67 9.17 2.28 22.59
N PHE C 68 10.00 2.68 21.63
CA PHE C 68 9.77 2.38 20.22
C PHE C 68 10.87 1.49 19.68
N THR C 69 10.49 0.47 18.92
CA THR C 69 11.45 -0.39 18.24
C THR C 69 11.18 -0.38 16.75
N ILE C 70 12.19 -0.01 15.97
CA ILE C 70 12.09 -0.08 14.53
C ILE C 70 12.65 -1.41 14.05
N SER C 71 11.90 -2.07 13.16
CA SER C 71 12.38 -3.32 12.54
C SER C 71 12.10 -3.34 11.04
N ARG C 72 12.51 -4.43 10.38
CA ARG C 72 12.53 -4.49 8.92
C ARG C 72 12.46 -5.92 8.44
N ASP C 73 11.65 -6.16 7.41
CA ASP C 73 11.48 -7.50 6.81
C ASP C 73 11.74 -7.39 5.30
N ASN C 74 13.02 -7.43 4.90
CA ASN C 74 13.40 -7.19 3.50
C ASN C 74 12.82 -8.14 2.48
N SER C 75 12.48 -9.36 2.89
CA SER C 75 11.87 -10.29 1.95
C SER C 75 10.45 -9.81 1.67
N MET C 76 9.74 -9.33 2.69
CA MET C 76 8.41 -8.79 2.49
C MET C 76 8.41 -7.35 2.01
N ASN C 77 9.60 -6.77 1.92
CA ASN C 77 9.81 -5.42 1.44
C ASN C 77 8.96 -4.46 2.23
N THR C 78 9.00 -4.58 3.56
CA THR C 78 8.31 -3.64 4.44
C THR C 78 9.14 -3.31 5.69
N VAL C 79 8.78 -2.21 6.33
CA VAL C 79 9.49 -1.67 7.49
C VAL C 79 8.47 -1.40 8.59
N TYR C 80 8.87 -1.64 9.84
CA TYR C 80 7.94 -1.59 10.96
C TYR C 80 8.37 -0.66 12.08
N LEU C 81 7.39 0.01 12.68
CA LEU C 81 7.63 0.82 13.88
C LEU C 81 6.70 0.32 14.95
N GLN C 82 7.30 -0.30 15.97
CA GLN C 82 6.57 -0.81 17.12
C GLN C 82 6.62 0.20 18.26
N MET C 83 5.43 0.55 18.76
CA MET C 83 5.27 1.60 19.76
C MET C 83 4.62 1.04 21.03
N ASN C 84 5.36 0.96 22.13
CA ASN C 84 4.77 0.34 23.34
C ASN C 84 4.19 1.29 24.40
N THR C 85 5.06 1.99 25.14
CA THR C 85 4.57 2.84 26.24
C THR C 85 4.00 4.12 25.65
N LEU C 86 2.80 4.02 25.09
CA LEU C 86 2.20 5.14 24.43
C LEU C 86 1.69 6.14 25.44
N ARG C 87 1.76 7.40 25.05
CA ARG C 87 1.51 8.54 25.91
C ARG C 87 0.78 9.60 25.11
N PRO C 88 -0.14 10.34 25.77
CA PRO C 88 -0.91 11.34 25.00
C PRO C 88 -0.04 12.29 24.13
N GLU C 89 1.22 12.54 24.51
CA GLU C 89 2.13 13.40 23.71
C GLU C 89 2.73 12.71 22.47
N ASP C 90 2.35 11.46 22.25
CA ASP C 90 2.81 10.72 21.07
C ASP C 90 1.72 10.73 19.98
N THR C 91 0.57 11.31 20.30
CA THR C 91 -0.49 11.54 19.33
C THR C 91 0.09 12.33 18.16
N ALA C 92 -0.18 11.89 16.94
CA ALA C 92 0.43 12.53 15.76
C ALA C 92 0.03 11.78 14.51
N VAL C 93 0.24 12.39 13.35
CA VAL C 93 0.27 11.56 12.16
C VAL C 93 1.72 11.17 11.88
N TYR C 94 1.92 9.88 11.60
CA TYR C 94 3.23 9.27 11.42
C TYR C 94 3.55 9.00 9.94
N TYR C 95 4.73 9.45 9.53
CA TYR C 95 5.23 9.30 8.15
C TYR C 95 6.49 8.44 8.16
N CYS C 96 6.58 7.47 7.25
CA CYS C 96 7.85 6.82 6.97
C CYS C 96 8.36 7.43 5.69
N ALA C 97 9.66 7.62 5.63
CA ALA C 97 10.28 8.19 4.44
C ALA C 97 11.52 7.39 4.14
N ARG C 98 11.76 7.19 2.85
CA ARG C 98 12.93 6.48 2.39
C ARG C 98 14.10 7.43 2.47
N ASP C 99 15.28 6.92 2.81
CA ASP C 99 16.49 7.74 2.90
C ASP C 99 17.15 7.92 1.52
N LEU C 100 17.74 9.08 1.30
CA LEU C 100 18.27 9.47 0.01
C LEU C 100 19.44 8.62 -0.49
N GLY C 101 20.21 8.08 0.45
CA GLY C 101 21.47 7.45 0.09
C GLY C 101 21.52 5.95 0.24
N GLY C 102 20.93 5.42 1.31
CA GLY C 102 21.19 4.03 1.82
C GLY C 102 21.22 3.18 0.58
N TYR C 103 22.19 2.29 0.39
CA TYR C 103 23.16 1.74 1.33
C TYR C 103 23.97 2.66 2.24
N PHE C 104 24.00 3.93 1.94
CA PHE C 104 24.83 4.82 2.75
C PHE C 104 23.94 5.88 3.40
N ILE C 105 23.78 5.82 4.72
CA ILE C 105 22.85 6.75 5.34
C ILE C 105 23.32 8.20 5.15
N ARG C 106 22.37 9.07 4.82
CA ARG C 106 22.66 10.45 4.49
C ARG C 106 21.81 11.36 5.39
N GLY C 107 20.80 10.78 6.02
CA GLY C 107 19.91 11.50 6.92
C GLY C 107 19.01 12.50 6.21
N ILE C 108 18.63 12.20 4.97
CA ILE C 108 17.64 13.03 4.27
C ILE C 108 16.55 12.20 3.60
N MET C 109 15.34 12.74 3.62
CA MET C 109 14.17 11.94 3.37
C MET C 109 13.51 12.28 2.05
N ASP C 110 13.64 11.39 1.08
CA ASP C 110 13.32 11.78 -0.29
C ASP C 110 12.01 11.28 -0.88
N VAL C 111 11.49 10.16 -0.39
CA VAL C 111 10.18 9.64 -0.80
C VAL C 111 9.38 9.44 0.48
N TRP C 112 8.15 9.96 0.54
CA TRP C 112 7.35 9.87 1.77
C TRP C 112 6.12 9.01 1.63
N GLY C 113 5.67 8.45 2.74
CA GLY C 113 4.36 7.78 2.81
C GLY C 113 3.20 8.75 2.96
N GLN C 114 1.98 8.28 2.75
CA GLN C 114 0.81 9.16 2.94
C GLN C 114 0.67 9.65 4.40
N GLY C 115 1.22 8.89 5.34
CA GLY C 115 1.10 9.24 6.74
C GLY C 115 -0.07 8.53 7.38
N THR C 116 0.08 8.16 8.66
CA THR C 116 -0.94 7.41 9.36
C THR C 116 -1.22 8.04 10.73
N LEU C 117 -2.47 8.36 11.03
CA LEU C 117 -2.81 9.00 12.31
C LEU C 117 -2.95 8.02 13.49
N VAL C 118 -2.26 8.35 14.58
CA VAL C 118 -2.32 7.58 15.82
C VAL C 118 -2.83 8.49 16.93
N THR C 119 -3.87 8.06 17.63
CA THR C 119 -4.40 8.89 18.72
C THR C 119 -4.30 8.16 20.05
N VAL C 120 -3.39 8.66 20.91
CA VAL C 120 -3.26 8.17 22.29
C VAL C 120 -4.13 9.00 23.24
N SER C 121 -5.21 8.39 23.73
CA SER C 121 -6.09 9.01 24.71
C SER C 121 -6.86 7.95 25.53
N SER C 122 -7.24 8.32 26.75
CA SER C 122 -8.11 7.45 27.51
C SER C 122 -9.51 8.02 27.39
N ALA C 123 -10.20 7.66 26.31
CA ALA C 123 -11.51 8.20 26.03
C ALA C 123 -12.29 7.25 25.13
N SER C 124 -13.53 6.93 25.51
CA SER C 124 -14.38 6.05 24.71
C SER C 124 -14.80 6.72 23.41
N THR C 125 -14.84 5.92 22.34
CA THR C 125 -15.42 6.35 21.07
C THR C 125 -16.84 6.89 21.30
N LYS C 126 -17.10 8.07 20.75
CA LYS C 126 -18.37 8.79 20.95
C LYS C 126 -18.90 9.45 19.67
N GLY C 127 -20.21 9.31 19.45
CA GLY C 127 -20.89 9.93 18.31
C GLY C 127 -21.19 11.39 18.58
N PRO C 128 -20.95 12.26 17.58
CA PRO C 128 -21.04 13.72 17.76
C PRO C 128 -22.41 14.19 18.16
N SER C 129 -22.45 15.25 18.98
CA SER C 129 -23.66 16.04 19.19
C SER C 129 -23.70 17.12 18.13
N VAL C 130 -24.87 17.34 17.55
CA VAL C 130 -25.07 18.37 16.53
C VAL C 130 -26.09 19.39 17.03
N PHE C 131 -25.88 20.65 16.66
CA PHE C 131 -26.80 21.71 17.05
C PHE C 131 -27.03 22.69 15.91
N PRO C 132 -28.22 23.30 15.86
CA PRO C 132 -28.40 24.38 14.89
C PRO C 132 -27.71 25.68 15.30
N LEU C 133 -27.14 26.36 14.31
CA LEU C 133 -26.73 27.75 14.45
C LEU C 133 -27.67 28.61 13.61
N ALA C 134 -28.70 29.14 14.26
CA ALA C 134 -29.76 29.87 13.59
C ALA C 134 -29.39 31.27 13.08
N PRO C 135 -29.57 31.52 11.76
CA PRO C 135 -29.46 32.83 11.11
C PRO C 135 -30.61 33.78 11.44
N SER C 136 -30.39 35.10 11.36
CA SER C 136 -31.45 36.09 11.65
C SER C 136 -31.42 37.46 10.90
N SER C 137 -30.21 38.00 10.66
CA SER C 137 -30.04 39.32 9.99
C SER C 137 -28.62 39.51 9.38
N GLY C 138 -28.21 40.78 9.18
CA GLY C 138 -26.86 41.11 8.68
C GLY C 138 -26.84 41.89 7.37
N GLY C 139 -26.25 41.29 6.34
CA GLY C 139 -26.25 41.82 4.96
C GLY C 139 -26.98 40.87 4.01
N THR C 140 -26.29 39.79 3.63
CA THR C 140 -26.92 38.62 3.03
C THR C 140 -26.52 37.42 3.90
N ALA C 141 -27.46 36.97 4.72
CA ALA C 141 -27.21 36.14 5.91
C ALA C 141 -26.45 34.82 5.74
N ALA C 142 -26.01 34.29 6.87
CA ALA C 142 -25.19 33.09 6.95
C ALA C 142 -25.68 32.15 8.05
N LEU C 143 -25.49 30.85 7.83
CA LEU C 143 -25.94 29.82 8.75
C LEU C 143 -24.91 28.70 8.88
N GLY C 144 -25.02 27.94 9.96
CA GLY C 144 -24.07 26.87 10.22
C GLY C 144 -24.56 25.79 11.16
N CYS C 145 -23.63 24.93 11.55
CA CYS C 145 -23.95 23.74 12.34
C CYS C 145 -22.83 23.41 13.32
N LEU C 146 -23.14 23.39 14.61
CA LEU C 146 -22.17 23.04 15.66
C LEU C 146 -22.13 21.54 15.93
N VAL C 147 -20.96 20.95 15.77
CA VAL C 147 -20.75 19.50 15.92
C VAL C 147 -19.88 19.25 17.15
N LYS C 148 -20.53 19.23 18.31
CA LYS C 148 -19.82 19.20 19.58
C LYS C 148 -19.57 17.78 20.08
N ASP C 149 -18.54 17.65 20.92
CA ASP C 149 -18.33 16.48 21.80
C ASP C 149 -18.22 15.14 21.09
N TYR C 150 -17.19 14.97 20.27
CA TYR C 150 -17.01 13.71 19.57
C TYR C 150 -15.64 13.11 19.81
N PHE C 151 -15.52 11.82 19.57
CA PHE C 151 -14.26 11.10 19.62
C PHE C 151 -14.38 9.87 18.71
N PRO C 152 -13.36 9.63 17.89
CA PRO C 152 -12.08 10.33 17.87
C PRO C 152 -11.68 11.03 16.58
N GLU C 153 -11.21 10.23 15.63
CA GLU C 153 -10.31 10.69 14.58
C GLU C 153 -10.88 11.87 13.79
N PRO C 154 -11.47 11.62 12.60
CA PRO C 154 -12.07 12.83 12.08
C PRO C 154 -13.54 12.66 11.77
N VAL C 155 -14.23 13.78 11.61
CA VAL C 155 -15.59 13.80 11.09
C VAL C 155 -15.54 14.39 9.69
N THR C 156 -16.64 14.28 8.95
CA THR C 156 -16.80 15.02 7.69
C THR C 156 -18.19 15.60 7.54
N VAL C 157 -18.25 16.84 7.07
CA VAL C 157 -19.52 17.55 6.82
C VAL C 157 -19.65 18.00 5.37
N SER C 158 -20.89 18.10 4.90
CA SER C 158 -21.21 18.47 3.53
C SER C 158 -22.61 19.08 3.55
N TRP C 159 -22.91 19.95 2.59
CA TRP C 159 -24.19 20.66 2.62
C TRP C 159 -25.16 20.25 1.49
N ASN C 160 -26.38 19.91 1.89
CA ASN C 160 -27.34 19.23 1.01
C ASN C 160 -26.67 18.06 0.29
N SER C 161 -26.09 17.16 1.10
CA SER C 161 -25.29 16.01 0.68
C SER C 161 -24.11 16.35 -0.25
N GLY C 162 -24.09 17.59 -0.73
CA GLY C 162 -23.07 18.06 -1.67
C GLY C 162 -23.68 18.90 -2.76
N ALA C 163 -24.96 19.24 -2.61
CA ALA C 163 -25.67 20.08 -3.58
C ALA C 163 -25.41 21.59 -3.32
N LEU C 164 -24.30 21.87 -2.65
CA LEU C 164 -23.76 23.22 -2.48
C LEU C 164 -22.42 23.12 -1.76
N THR C 165 -21.35 23.49 -2.46
CA THR C 165 -20.05 23.63 -1.83
C THR C 165 -19.59 25.09 -1.95
N SER C 166 -20.47 25.92 -2.51
CA SER C 166 -20.25 27.37 -2.65
C SER C 166 -20.20 28.09 -1.30
N GLY C 167 -18.99 28.43 -0.88
CA GLY C 167 -18.79 29.14 0.39
C GLY C 167 -19.16 28.32 1.62
N VAL C 168 -18.47 27.19 1.77
CA VAL C 168 -18.62 26.32 2.93
C VAL C 168 -17.35 26.46 3.74
N HIS C 169 -17.48 26.62 5.06
CA HIS C 169 -16.31 26.71 5.92
C HIS C 169 -16.35 25.74 7.08
N THR C 170 -15.52 24.70 7.01
CA THR C 170 -15.34 23.75 8.11
C THR C 170 -14.05 24.06 8.86
N PHE C 171 -14.18 24.37 10.13
CA PHE C 171 -13.03 24.73 10.95
C PHE C 171 -12.40 23.49 11.53
N PRO C 172 -11.07 23.51 11.67
CA PRO C 172 -10.37 22.47 12.39
C PRO C 172 -11.03 22.10 13.72
N ALA C 173 -10.91 20.82 14.09
CA ALA C 173 -11.35 20.33 15.37
C ALA C 173 -10.54 20.95 16.51
N VAL C 174 -11.15 21.00 17.68
CA VAL C 174 -10.48 21.45 18.90
C VAL C 174 -10.61 20.38 19.96
N LEU C 175 -9.51 20.12 20.67
CA LEU C 175 -9.48 19.15 21.73
C LEU C 175 -9.62 19.88 23.06
N GLN C 176 -10.82 19.84 23.64
CA GLN C 176 -10.99 20.42 24.96
C GLN C 176 -10.59 19.40 26.02
N SER C 177 -10.35 19.90 27.23
CA SER C 177 -9.83 19.10 28.35
C SER C 177 -10.72 17.92 28.79
N SER C 178 -11.98 17.92 28.34
CA SER C 178 -12.82 16.74 28.50
C SER C 178 -12.24 15.54 27.73
N GLY C 179 -11.41 15.83 26.73
CA GLY C 179 -10.84 14.80 25.88
C GLY C 179 -11.61 14.60 24.59
N LEU C 180 -12.81 15.20 24.53
CA LEU C 180 -13.66 15.19 23.33
C LEU C 180 -13.22 16.24 22.31
N TYR C 181 -13.89 16.25 21.17
CA TYR C 181 -13.52 17.11 20.06
C TYR C 181 -14.72 17.93 19.60
N SER C 182 -14.54 19.23 19.44
CA SER C 182 -15.60 20.10 18.95
C SER C 182 -15.17 20.72 17.64
N LEU C 183 -16.13 20.91 16.75
CA LEU C 183 -15.96 21.79 15.58
C LEU C 183 -17.28 22.27 15.02
N SER C 184 -17.21 23.16 14.04
CA SER C 184 -18.39 23.65 13.34
C SER C 184 -18.12 23.98 11.88
N SER C 185 -19.20 23.90 11.11
CA SER C 185 -19.18 24.18 9.68
C SER C 185 -20.28 25.17 9.39
N VAL C 186 -19.98 26.14 8.53
CA VAL C 186 -20.90 27.23 8.26
C VAL C 186 -20.91 27.57 6.77
N VAL C 187 -21.88 28.38 6.37
CA VAL C 187 -22.01 28.81 4.99
C VAL C 187 -22.79 30.12 4.90
N THR C 188 -22.33 31.03 4.04
CA THR C 188 -23.13 32.21 3.72
C THR C 188 -23.96 31.87 2.50
N VAL C 189 -25.27 32.04 2.61
CA VAL C 189 -26.15 31.73 1.49
C VAL C 189 -26.78 32.98 0.91
N PRO C 190 -26.55 33.20 -0.40
CA PRO C 190 -27.11 34.30 -1.18
C PRO C 190 -28.57 34.60 -0.84
N SER C 191 -28.90 35.88 -0.74
CA SER C 191 -30.29 36.37 -0.54
C SER C 191 -30.88 36.03 0.83
N SER C 192 -32.04 36.62 1.11
CA SER C 192 -32.80 36.34 2.31
C SER C 192 -33.76 35.16 2.09
N SER C 193 -33.41 34.27 1.17
CA SER C 193 -34.14 33.03 0.96
C SER C 193 -33.78 32.05 2.09
N LEU C 194 -34.32 32.34 3.27
CA LEU C 194 -34.13 31.51 4.46
C LEU C 194 -35.49 31.05 4.96
N GLY C 195 -36.47 31.95 4.92
CA GLY C 195 -37.87 31.65 5.22
C GLY C 195 -38.61 30.99 4.05
N THR C 196 -37.84 30.25 3.24
CA THR C 196 -38.35 29.50 2.08
C THR C 196 -37.52 28.24 1.81
N GLN C 197 -36.23 28.43 1.50
CA GLN C 197 -35.37 27.35 0.98
C GLN C 197 -34.80 26.43 2.08
N THR C 198 -34.77 25.14 1.77
CA THR C 198 -34.27 24.12 2.69
C THR C 198 -32.75 24.01 2.59
N TYR C 199 -32.11 23.86 3.75
CA TYR C 199 -30.68 23.58 3.83
C TYR C 199 -30.43 22.51 4.89
N ILE C 200 -29.64 21.50 4.52
CA ILE C 200 -29.37 20.38 5.43
C ILE C 200 -27.90 20.01 5.43
N CYS C 201 -27.32 19.94 6.62
CA CYS C 201 -25.94 19.48 6.77
C CYS C 201 -25.92 18.02 7.20
N ASN C 202 -24.96 17.28 6.66
CA ASN C 202 -24.84 15.87 6.99
C ASN C 202 -23.44 15.53 7.52
N VAL C 203 -23.39 15.23 8.82
CA VAL C 203 -22.15 14.86 9.50
C VAL C 203 -21.99 13.34 9.47
N ASN C 204 -20.86 12.90 8.93
CA ASN C 204 -20.53 11.49 8.86
C ASN C 204 -19.36 11.15 9.77
N HIS C 205 -19.65 10.53 10.90
CA HIS C 205 -18.61 10.09 11.83
C HIS C 205 -18.23 8.61 11.64
N LYS C 206 -17.16 8.40 10.86
CA LYS C 206 -16.62 7.08 10.50
C LYS C 206 -16.25 6.18 11.68
N PRO C 207 -15.26 6.60 12.52
CA PRO C 207 -14.88 5.76 13.66
C PRO C 207 -15.99 5.58 14.71
N SER C 208 -17.25 5.51 14.26
CA SER C 208 -18.39 5.14 15.12
C SER C 208 -19.63 4.74 14.30
N ASN C 209 -19.54 4.86 12.97
CA ASN C 209 -20.69 4.64 12.07
C ASN C 209 -21.96 5.41 12.48
N THR C 210 -21.77 6.72 12.72
CA THR C 210 -22.88 7.64 12.94
C THR C 210 -23.06 8.50 11.68
N LYS C 211 -24.28 8.54 11.16
CA LYS C 211 -24.64 9.55 10.17
C LYS C 211 -25.77 10.40 10.74
N VAL C 212 -25.49 11.69 10.93
CA VAL C 212 -26.49 12.62 11.49
C VAL C 212 -27.02 13.57 10.42
N ASP C 213 -28.28 13.96 10.56
CA ASP C 213 -28.94 14.84 9.60
C ASP C 213 -29.54 16.05 10.30
N LYS C 214 -29.01 17.23 9.99
CA LYS C 214 -29.50 18.48 10.56
C LYS C 214 -30.06 19.47 9.55
N ARG C 215 -31.38 19.44 9.42
CA ARG C 215 -32.15 20.53 8.86
C ARG C 215 -31.96 21.72 9.81
N VAL C 216 -31.73 22.91 9.25
CA VAL C 216 -31.55 24.12 10.06
C VAL C 216 -32.44 25.27 9.56
N GLU C 217 -33.20 25.88 10.48
CA GLU C 217 -34.10 27.00 10.17
C GLU C 217 -34.07 28.06 11.30
N PRO C 218 -34.60 29.27 11.03
CA PRO C 218 -34.49 30.42 11.96
C PRO C 218 -35.34 30.34 13.24
N LYS C 219 -35.60 31.49 13.85
CA LYS C 219 -36.39 31.59 15.08
C LYS C 219 -37.89 31.49 14.78
N GLU D 1 18.67 18.94 22.07
CA GLU D 1 19.71 19.98 22.32
C GLU D 1 20.66 20.23 21.13
N LEU D 2 20.10 20.23 19.92
CA LEU D 2 20.80 20.82 18.77
C LEU D 2 20.11 22.15 18.46
N GLN D 3 18.77 22.15 18.43
CA GLN D 3 17.98 23.38 18.22
C GLN D 3 18.16 24.00 16.82
N MET D 4 17.11 23.90 16.01
CA MET D 4 17.04 24.59 14.74
C MET D 4 15.96 25.65 14.85
N THR D 5 16.27 26.88 14.47
CA THR D 5 15.32 28.00 14.52
C THR D 5 15.01 28.53 13.12
N GLN D 6 13.73 28.75 12.84
CA GLN D 6 13.41 29.28 11.53
C GLN D 6 12.81 30.68 11.61
N SER D 7 13.17 31.50 10.63
CA SER D 7 12.84 32.92 10.62
C SER D 7 12.45 33.36 9.22
N PRO D 8 11.34 34.10 9.07
CA PRO D 8 10.26 34.43 10.00
C PRO D 8 9.31 33.24 10.15
N SER D 9 8.27 33.39 10.96
CA SER D 9 7.33 32.31 11.15
C SER D 9 6.29 32.32 10.03
N SER D 10 6.05 33.49 9.45
CA SER D 10 5.18 33.64 8.27
C SER D 10 5.76 34.70 7.35
N VAL D 11 5.46 34.57 6.07
CA VAL D 11 5.62 35.64 5.11
C VAL D 11 4.45 35.61 4.18
N SER D 12 3.91 36.78 3.89
CA SER D 12 2.91 36.89 2.87
C SER D 12 3.56 37.48 1.64
N ALA D 13 3.24 36.91 0.48
CA ALA D 13 3.82 37.41 -0.75
C ALA D 13 2.94 37.19 -1.99
N SER D 14 3.11 38.15 -2.90
CA SER D 14 2.50 38.12 -4.22
C SER D 14 3.19 37.06 -5.07
N VAL D 15 2.47 36.47 -6.02
CA VAL D 15 3.15 35.56 -6.95
C VAL D 15 4.06 36.41 -7.82
N GLY D 16 5.25 35.89 -8.06
CA GLY D 16 6.25 36.66 -8.75
C GLY D 16 7.29 37.21 -7.79
N ASP D 17 6.93 37.36 -6.51
CA ASP D 17 7.87 37.92 -5.52
C ASP D 17 9.02 36.99 -5.22
N ARG D 18 10.17 37.57 -4.89
CA ARG D 18 11.29 36.81 -4.36
C ARG D 18 11.16 36.72 -2.84
N VAL D 19 10.82 35.53 -2.36
CA VAL D 19 10.77 35.27 -0.89
C VAL D 19 12.06 34.61 -0.42
N THR D 20 12.56 35.06 0.72
CA THR D 20 13.74 34.45 1.30
C THR D 20 13.61 34.15 2.82
N ILE D 21 13.64 32.87 3.17
CA ILE D 21 13.51 32.34 4.55
C ILE D 21 14.89 32.03 5.10
N THR D 22 15.11 32.21 6.39
CA THR D 22 16.37 31.78 7.00
C THR D 22 16.17 30.67 8.04
N CYS D 23 17.25 29.96 8.36
CA CYS D 23 17.24 28.89 9.36
C CYS D 23 18.59 28.90 10.07
N ARG D 24 18.56 28.95 11.40
CA ARG D 24 19.79 29.02 12.20
C ARG D 24 19.91 27.84 13.13
N ALA D 25 21.12 27.28 13.19
CA ALA D 25 21.42 26.13 14.03
C ALA D 25 22.29 26.56 15.19
N SER D 26 21.94 26.09 16.39
CA SER D 26 22.60 26.51 17.63
C SER D 26 24.11 26.20 17.67
N GLN D 27 24.54 25.16 16.99
CA GLN D 27 25.97 24.91 16.82
C GLN D 27 26.31 24.54 15.38
N GLY D 28 27.60 24.58 15.04
CA GLY D 28 28.06 24.33 13.67
C GLY D 28 27.70 22.95 13.16
N ILE D 29 27.04 22.91 12.01
CA ILE D 29 26.60 21.67 11.41
C ILE D 29 27.17 21.54 10.00
N SER D 30 28.33 22.17 9.80
CA SER D 30 29.02 22.13 8.51
C SER D 30 28.05 22.63 7.43
N SER D 31 27.95 21.93 6.30
CA SER D 31 26.92 22.25 5.29
C SER D 31 25.85 21.13 5.12
N TRP D 32 25.53 20.43 6.20
CA TRP D 32 24.59 19.31 6.18
C TRP D 32 23.17 19.71 6.60
N LEU D 33 22.50 20.42 5.70
CA LEU D 33 21.19 20.96 5.95
C LEU D 33 20.25 20.73 4.78
N ALA D 34 19.02 20.30 5.05
CA ALA D 34 18.05 20.07 3.98
C ALA D 34 16.79 20.90 4.17
N TRP D 35 16.09 21.21 3.09
CA TRP D 35 14.82 21.95 3.12
C TRP D 35 13.73 21.08 2.57
N TYR D 36 12.58 21.10 3.24
CA TYR D 36 11.39 20.37 2.80
C TYR D 36 10.24 21.33 2.58
N GLN D 37 9.30 20.93 1.73
CA GLN D 37 8.07 21.69 1.54
C GLN D 37 6.92 20.85 1.99
N GLN D 38 6.00 21.43 2.75
CA GLN D 38 4.78 20.68 3.13
C GLN D 38 3.53 21.53 2.96
N LYS D 39 2.65 21.16 2.03
CA LYS D 39 1.32 21.77 1.96
C LYS D 39 0.46 21.10 3.03
N PRO D 40 -0.62 21.76 3.52
CA PRO D 40 -1.34 21.15 4.65
C PRO D 40 -1.97 19.79 4.27
N GLY D 41 -1.88 18.82 5.18
CA GLY D 41 -2.57 17.54 5.00
C GLY D 41 -1.99 16.61 3.93
N LYS D 42 -0.78 16.96 3.48
CA LYS D 42 -0.02 16.11 2.60
C LYS D 42 1.35 15.88 3.20
N ALA D 43 2.10 14.97 2.60
CA ALA D 43 3.42 14.65 3.12
C ALA D 43 4.43 15.69 2.65
N PRO D 44 5.55 15.83 3.36
CA PRO D 44 6.54 16.79 2.90
C PRO D 44 7.19 16.34 1.61
N LYS D 45 7.71 17.33 0.87
CA LYS D 45 8.55 17.09 -0.30
C LYS D 45 9.96 17.60 0.02
N LEU D 46 10.97 16.85 -0.41
CA LEU D 46 12.36 17.31 -0.36
C LEU D 46 12.66 18.32 -1.46
N LEU D 47 13.40 19.36 -1.13
CA LEU D 47 13.74 20.41 -2.08
C LEU D 47 15.26 20.51 -2.28
N ILE D 48 15.97 20.62 -1.15
CA ILE D 48 17.40 20.87 -1.16
C ILE D 48 18.04 20.04 -0.09
N TYR D 49 19.16 19.40 -0.40
CA TYR D 49 19.97 18.76 0.63
C TYR D 49 21.39 19.27 0.48
N ALA D 50 22.26 18.93 1.43
CA ALA D 50 23.65 19.46 1.50
C ALA D 50 23.71 20.97 1.27
N ALA D 51 22.98 21.70 2.09
CA ALA D 51 22.89 23.17 2.03
C ALA D 51 22.35 23.78 0.73
N SER D 52 22.76 23.22 -0.41
CA SER D 52 22.47 23.88 -1.68
C SER D 52 22.28 23.00 -2.93
N SER D 53 22.29 21.69 -2.76
CA SER D 53 21.99 20.77 -3.85
C SER D 53 20.51 20.67 -4.08
N LEU D 54 20.08 20.99 -5.29
CA LEU D 54 18.69 20.86 -5.68
C LEU D 54 18.31 19.40 -5.99
N GLN D 55 17.22 18.94 -5.39
CA GLN D 55 16.72 17.60 -5.62
C GLN D 55 16.05 17.49 -7.00
N SER D 56 16.20 16.34 -7.65
CA SER D 56 15.87 16.19 -9.06
C SER D 56 14.48 16.65 -9.56
N GLY D 57 13.41 16.36 -8.86
CA GLY D 57 12.11 16.84 -9.37
C GLY D 57 11.91 18.36 -9.39
N VAL D 58 12.69 19.06 -8.57
CA VAL D 58 12.38 20.38 -8.06
C VAL D 58 12.68 21.49 -9.07
N PRO D 59 11.73 22.44 -9.28
CA PRO D 59 11.98 23.60 -10.17
C PRO D 59 13.18 24.39 -9.70
N SER D 60 13.98 24.94 -10.60
CA SER D 60 15.17 25.64 -10.13
C SER D 60 14.92 27.01 -9.49
N ARG D 61 13.67 27.49 -9.48
CA ARG D 61 13.24 28.61 -8.62
C ARG D 61 13.90 28.51 -7.25
N PHE D 62 13.93 27.28 -6.74
CA PHE D 62 14.46 26.98 -5.42
C PHE D 62 15.97 26.97 -5.42
N SER D 63 16.51 27.43 -4.30
CA SER D 63 17.92 27.72 -4.16
C SER D 63 18.24 27.84 -2.67
N GLY D 64 19.15 26.98 -2.22
CA GLY D 64 19.62 27.05 -0.84
C GLY D 64 21.01 27.64 -0.80
N SER D 65 21.39 28.17 0.35
CA SER D 65 22.75 28.64 0.55
C SER D 65 23.07 28.70 2.03
N GLY D 66 24.37 28.75 2.32
CA GLY D 66 24.85 28.91 3.69
C GLY D 66 25.78 27.81 4.14
N SER D 67 26.45 28.06 5.27
CA SER D 67 27.43 27.13 5.81
C SER D 67 27.65 27.35 7.28
N GLY D 68 27.80 26.25 8.00
CA GLY D 68 28.14 26.31 9.40
C GLY D 68 26.91 26.50 10.27
N THR D 69 26.41 27.73 10.32
CA THR D 69 25.42 28.05 11.34
C THR D 69 24.15 28.76 10.80
N ASP D 70 24.30 29.38 9.63
CA ASP D 70 23.27 30.21 9.03
C ASP D 70 22.99 29.78 7.60
N PHE D 71 21.72 29.63 7.28
CA PHE D 71 21.27 29.01 6.04
C PHE D 71 20.06 29.76 5.56
N THR D 72 19.90 29.84 4.24
CA THR D 72 18.74 30.52 3.67
C THR D 72 18.22 29.71 2.52
N LEU D 73 16.91 29.67 2.37
CA LEU D 73 16.27 29.16 1.17
C LEU D 73 15.69 30.37 0.44
N THR D 74 15.84 30.40 -0.87
CA THR D 74 15.32 31.52 -1.65
C THR D 74 14.41 30.96 -2.73
N ILE D 75 13.18 31.48 -2.79
CA ILE D 75 12.33 31.20 -3.93
C ILE D 75 12.33 32.45 -4.81
N SER D 76 12.89 32.31 -6.00
CA SER D 76 13.13 33.44 -6.88
C SER D 76 11.91 34.16 -7.42
N SER D 77 10.88 33.40 -7.75
CA SER D 77 9.67 33.98 -8.28
C SER D 77 8.53 33.07 -7.87
N LEU D 78 8.03 33.30 -6.68
CA LEU D 78 6.93 32.53 -6.11
C LEU D 78 5.88 32.23 -7.15
N GLN D 79 5.62 30.95 -7.36
CA GLN D 79 4.56 30.48 -8.20
C GLN D 79 3.38 30.14 -7.28
N PRO D 80 2.15 30.04 -7.84
CA PRO D 80 0.95 29.64 -7.07
C PRO D 80 1.12 28.35 -6.28
N GLU D 81 1.86 27.41 -6.84
CA GLU D 81 2.05 26.12 -6.20
C GLU D 81 3.12 26.11 -5.11
N ASP D 82 3.57 27.29 -4.70
CA ASP D 82 4.66 27.36 -3.71
C ASP D 82 4.19 27.79 -2.34
N PHE D 83 2.89 27.97 -2.18
CA PHE D 83 2.37 28.39 -0.89
C PHE D 83 2.16 27.16 -0.02
N ALA D 84 2.94 27.12 1.06
CA ALA D 84 3.08 25.94 1.90
C ALA D 84 3.99 26.30 3.03
N THR D 85 4.28 25.34 3.90
CA THR D 85 5.20 25.55 4.99
C THR D 85 6.55 24.92 4.62
N TYR D 86 7.63 25.58 5.03
CA TYR D 86 8.96 25.14 4.67
C TYR D 86 9.70 24.84 5.93
N TYR D 87 10.25 23.63 6.02
CA TYR D 87 11.00 23.19 7.20
C TYR D 87 12.43 22.94 6.80
N CYS D 88 13.38 23.41 7.60
CA CYS D 88 14.76 23.02 7.35
C CYS D 88 15.04 21.81 8.21
N GLN D 89 16.13 21.10 7.95
CA GLN D 89 16.44 19.93 8.74
C GLN D 89 17.94 19.65 8.73
N GLN D 90 18.53 19.49 9.91
CA GLN D 90 19.95 19.20 10.01
C GLN D 90 20.18 17.73 9.80
N ALA D 91 21.20 17.42 8.99
CA ALA D 91 21.59 16.04 8.72
C ALA D 91 23.04 15.80 9.15
N ASN D 92 23.53 16.65 10.03
CA ASN D 92 24.87 16.49 10.57
C ASN D 92 25.00 15.29 11.51
N SER D 93 24.07 15.18 12.48
CA SER D 93 24.14 14.15 13.53
C SER D 93 22.79 13.62 13.97
N PHE D 94 22.82 12.42 14.55
CA PHE D 94 21.62 11.83 15.14
C PHE D 94 21.53 12.22 16.62
N PRO D 95 20.32 12.53 17.11
CA PRO D 95 19.06 12.55 16.39
C PRO D 95 19.03 13.63 15.34
N LEU D 96 18.19 13.45 14.32
CA LEU D 96 17.98 14.46 13.30
C LEU D 96 16.97 15.49 13.83
N THR D 97 17.06 16.74 13.35
CA THR D 97 16.27 17.85 13.89
C THR D 97 15.70 18.78 12.83
N PHE D 98 14.41 19.07 12.95
CA PHE D 98 13.72 19.96 12.07
C PHE D 98 13.60 21.33 12.71
N GLY D 99 13.84 22.38 11.95
CA GLY D 99 13.40 23.70 12.36
C GLY D 99 11.89 23.64 12.55
N GLY D 100 11.32 24.73 13.05
CA GLY D 100 9.93 24.75 13.46
C GLY D 100 8.95 25.14 12.38
N GLY D 101 9.44 25.50 11.20
CA GLY D 101 8.54 25.78 10.07
C GLY D 101 8.31 27.25 9.80
N THR D 102 8.30 27.61 8.51
CA THR D 102 7.97 28.95 7.99
C THR D 102 6.82 28.79 6.99
N LYS D 103 5.69 29.41 7.29
CA LYS D 103 4.53 29.32 6.41
C LYS D 103 4.62 30.46 5.43
N VAL D 104 4.50 30.18 4.14
CA VAL D 104 4.44 31.31 3.22
C VAL D 104 3.05 31.37 2.59
N GLU D 105 2.43 32.55 2.69
CA GLU D 105 1.01 32.70 2.38
C GLU D 105 0.77 33.65 1.23
N ILE D 106 -0.35 33.48 0.52
CA ILE D 106 -0.71 34.39 -0.58
C ILE D 106 -1.02 35.81 -0.06
N LYS D 107 -0.74 36.83 -0.84
CA LYS D 107 -1.05 38.18 -0.39
C LYS D 107 -2.03 38.80 -1.34
N ARG D 108 -3.28 38.88 -0.92
CA ARG D 108 -4.33 39.50 -1.71
C ARG D 108 -4.66 40.88 -1.13
N THR D 109 -5.56 41.60 -1.80
CA THR D 109 -6.06 42.88 -1.26
C THR D 109 -6.74 42.70 0.10
N VAL D 110 -6.74 43.73 0.93
CA VAL D 110 -7.41 43.70 2.22
C VAL D 110 -8.94 43.50 2.08
N ALA D 111 -9.48 42.49 2.77
CA ALA D 111 -10.92 42.25 2.84
C ALA D 111 -11.44 42.18 4.29
N ALA D 112 -12.44 42.99 4.62
CA ALA D 112 -12.95 43.09 5.98
C ALA D 112 -13.82 41.89 6.39
N PRO D 113 -13.86 41.56 7.69
CA PRO D 113 -14.60 40.38 8.07
C PRO D 113 -16.10 40.65 8.17
N SER D 114 -16.87 39.82 7.48
CA SER D 114 -18.31 39.80 7.62
C SER D 114 -18.56 39.02 8.90
N VAL D 115 -19.14 39.66 9.91
CA VAL D 115 -19.23 39.04 11.25
C VAL D 115 -20.66 38.68 11.68
N PHE D 116 -20.82 37.47 12.24
CA PHE D 116 -22.13 36.96 12.66
C PHE D 116 -22.11 36.42 14.08
N ILE D 117 -23.28 36.39 14.71
CA ILE D 117 -23.39 35.95 16.10
C ILE D 117 -24.38 34.76 16.20
N PHE D 118 -24.10 33.84 17.12
CA PHE D 118 -24.88 32.61 17.21
C PHE D 118 -25.17 32.16 18.64
N PRO D 119 -26.44 32.26 19.06
CA PRO D 119 -26.92 31.86 20.38
C PRO D 119 -26.86 30.34 20.55
N PRO D 120 -26.78 29.86 21.81
CA PRO D 120 -26.84 28.41 22.04
C PRO D 120 -28.25 27.91 21.74
N SER D 121 -28.36 26.93 20.85
CA SER D 121 -29.65 26.33 20.50
C SER D 121 -30.33 25.65 21.70
N ASP D 122 -31.63 25.88 21.87
CA ASP D 122 -32.35 25.34 23.03
C ASP D 122 -32.20 23.82 23.27
N GLU D 123 -31.88 23.06 22.21
CA GLU D 123 -31.51 21.65 22.39
C GLU D 123 -30.23 21.54 23.26
N GLN D 124 -29.21 22.35 22.92
CA GLN D 124 -27.91 22.34 23.62
C GLN D 124 -28.00 22.72 25.09
N LEU D 125 -28.94 23.60 25.44
CA LEU D 125 -29.17 24.01 26.83
C LEU D 125 -29.58 22.84 27.72
N LYS D 126 -30.23 21.84 27.12
CA LYS D 126 -30.69 20.65 27.85
C LYS D 126 -29.53 19.75 28.27
N SER D 127 -28.49 19.69 27.45
CA SER D 127 -27.31 18.86 27.72
C SER D 127 -26.56 19.28 28.99
N GLY D 128 -26.58 20.57 29.31
CA GLY D 128 -25.87 21.11 30.48
C GLY D 128 -24.98 22.31 30.21
N THR D 129 -24.37 22.37 29.02
CA THR D 129 -23.47 23.47 28.68
C THR D 129 -24.03 24.39 27.59
N ALA D 130 -23.59 25.65 27.59
CA ALA D 130 -24.03 26.65 26.62
C ALA D 130 -22.85 27.17 25.79
N SER D 131 -22.97 27.03 24.47
CA SER D 131 -21.93 27.48 23.55
C SER D 131 -22.40 28.59 22.63
N VAL D 132 -21.74 29.74 22.73
CA VAL D 132 -22.03 30.90 21.90
C VAL D 132 -20.93 31.03 20.87
N VAL D 133 -21.33 31.17 19.62
CA VAL D 133 -20.42 31.15 18.48
C VAL D 133 -20.38 32.49 17.74
N CYS D 134 -19.17 33.05 17.63
CA CYS D 134 -18.95 34.28 16.87
C CYS D 134 -18.22 33.93 15.57
N LEU D 135 -18.77 34.40 14.44
CA LEU D 135 -18.25 34.08 13.12
C LEU D 135 -17.69 35.31 12.41
N LEU D 136 -16.42 35.24 12.01
CA LEU D 136 -15.76 36.29 11.26
C LEU D 136 -15.48 35.67 9.92
N ASN D 137 -16.12 36.18 8.89
CA ASN D 137 -16.17 35.48 7.64
C ASN D 137 -15.48 36.19 6.49
N ASN D 138 -14.59 35.47 5.83
CA ASN D 138 -13.87 35.94 4.65
C ASN D 138 -13.14 37.26 4.81
N PHE D 139 -12.05 37.22 5.57
CA PHE D 139 -11.27 38.40 5.82
C PHE D 139 -9.80 38.22 5.45
N TYR D 140 -9.16 39.26 4.93
CA TYR D 140 -7.70 39.26 4.77
C TYR D 140 -7.12 40.57 5.31
N PRO D 141 -5.96 40.51 6.02
CA PRO D 141 -5.11 39.38 6.40
C PRO D 141 -5.58 38.69 7.70
N ARG D 142 -4.90 37.61 8.09
CA ARG D 142 -5.08 37.00 9.43
C ARG D 142 -4.87 38.11 10.46
N GLU D 143 -5.90 38.45 11.24
CA GLU D 143 -5.70 39.58 12.16
C GLU D 143 -6.40 39.61 13.50
N ALA D 144 -7.70 39.88 13.49
CA ALA D 144 -8.51 39.88 14.70
C ALA D 144 -8.05 38.76 15.66
N LYS D 145 -8.17 38.91 16.98
CA LYS D 145 -8.89 39.95 17.76
C LYS D 145 -10.43 39.90 17.85
N VAL D 146 -10.94 38.96 18.64
CA VAL D 146 -12.33 39.03 19.11
C VAL D 146 -12.38 39.20 20.61
N GLN D 147 -13.33 40.01 21.06
CA GLN D 147 -13.56 40.14 22.47
C GLN D 147 -15.00 39.81 22.79
N TRP D 148 -15.16 38.78 23.61
CA TRP D 148 -16.45 38.40 24.15
C TRP D 148 -16.75 39.33 25.30
N LYS D 149 -17.76 40.16 25.09
CA LYS D 149 -18.28 41.01 26.15
C LYS D 149 -19.68 40.55 26.50
N VAL D 150 -19.89 40.27 27.77
CA VAL D 150 -21.19 39.83 28.24
C VAL D 150 -21.66 40.77 29.34
N ASP D 151 -22.69 41.55 29.02
CA ASP D 151 -23.11 42.72 29.83
C ASP D 151 -21.93 43.69 30.10
N ASN D 152 -21.10 43.86 29.07
CA ASN D 152 -19.88 44.69 29.12
C ASN D 152 -18.74 44.17 30.00
N ALA D 153 -18.93 42.99 30.59
CA ALA D 153 -17.85 42.27 31.26
C ALA D 153 -17.00 41.50 30.24
N LEU D 154 -15.68 41.62 30.35
CA LEU D 154 -14.78 40.93 29.44
C LEU D 154 -14.40 39.55 29.95
N GLN D 155 -14.06 38.66 29.02
CA GLN D 155 -13.83 37.26 29.32
C GLN D 155 -12.38 36.87 29.06
N SER D 156 -11.86 35.93 29.85
CA SER D 156 -10.54 35.32 29.59
C SER D 156 -10.48 33.89 30.09
N GLY D 157 -9.89 33.01 29.27
CA GLY D 157 -9.80 31.57 29.58
C GLY D 157 -11.17 30.89 29.64
N ASN D 158 -12.04 31.23 28.68
CA ASN D 158 -13.37 30.62 28.56
C ASN D 158 -13.92 30.73 27.14
N SER D 159 -13.02 31.01 26.21
CA SER D 159 -13.31 30.98 24.79
C SER D 159 -12.13 30.39 24.05
N GLN D 160 -12.43 29.66 22.98
CA GLN D 160 -11.40 29.18 22.10
C GLN D 160 -11.81 29.39 20.67
N GLU D 161 -10.88 29.85 19.85
CA GLU D 161 -11.16 30.05 18.44
C GLU D 161 -10.30 29.16 17.57
N SER D 162 -10.80 28.86 16.37
CA SER D 162 -9.95 28.22 15.38
C SER D 162 -10.15 28.80 13.98
N VAL D 163 -9.06 28.79 13.20
CA VAL D 163 -9.02 29.43 11.88
C VAL D 163 -8.92 28.43 10.74
N THR D 164 -9.53 28.77 9.61
CA THR D 164 -9.36 28.01 8.37
C THR D 164 -8.07 28.42 7.67
N GLU D 165 -7.73 27.69 6.61
CA GLU D 165 -6.61 28.04 5.75
C GLU D 165 -7.04 29.08 4.74
N GLN D 166 -6.06 29.68 4.07
CA GLN D 166 -6.29 30.56 2.93
C GLN D 166 -7.21 29.86 1.95
N ASP D 167 -8.40 30.40 1.74
CA ASP D 167 -9.36 29.75 0.85
C ASP D 167 -8.82 29.62 -0.58
N SER D 168 -8.96 28.43 -1.15
CA SER D 168 -8.34 28.11 -2.44
C SER D 168 -8.91 28.92 -3.62
N LYS D 169 -10.16 29.37 -3.47
CA LYS D 169 -10.79 30.20 -4.50
C LYS D 169 -10.33 31.67 -4.46
N ASP D 170 -10.27 32.28 -3.28
CA ASP D 170 -10.04 33.73 -3.17
C ASP D 170 -9.03 34.21 -2.09
N SER D 171 -8.37 33.25 -1.44
CA SER D 171 -7.26 33.55 -0.54
C SER D 171 -7.65 34.19 0.78
N THR D 172 -8.89 33.98 1.21
CA THR D 172 -9.39 34.64 2.42
C THR D 172 -9.25 33.75 3.63
N TYR D 173 -9.52 34.29 4.82
CA TYR D 173 -9.62 33.49 6.04
C TYR D 173 -11.04 33.50 6.56
N SER D 174 -11.38 32.49 7.35
CA SER D 174 -12.51 32.61 8.25
C SER D 174 -12.14 32.12 9.64
N LEU D 175 -12.91 32.57 10.63
CA LEU D 175 -12.56 32.39 12.02
C LEU D 175 -13.83 32.24 12.83
N SER D 176 -13.79 31.40 13.85
CA SER D 176 -14.90 31.32 14.77
C SER D 176 -14.46 31.13 16.20
N SER D 177 -14.89 32.07 17.04
CA SER D 177 -14.67 32.01 18.46
C SER D 177 -15.92 31.42 19.11
N THR D 178 -15.71 30.46 20.01
CA THR D 178 -16.81 29.88 20.75
C THR D 178 -16.63 30.12 22.25
N LEU D 179 -17.71 30.62 22.86
CA LEU D 179 -17.76 30.86 24.29
C LEU D 179 -18.46 29.68 24.94
N THR D 180 -17.73 28.94 25.78
CA THR D 180 -18.30 27.81 26.51
C THR D 180 -18.55 28.18 27.97
N LEU D 181 -19.83 28.26 28.33
CA LEU D 181 -20.25 28.52 29.70
C LEU D 181 -21.08 27.35 30.22
N SER D 182 -21.43 27.39 31.50
CA SER D 182 -22.43 26.47 32.03
C SER D 182 -23.83 27.08 31.84
N LYS D 183 -24.84 26.22 31.84
CA LYS D 183 -26.24 26.66 31.71
C LYS D 183 -26.63 27.72 32.74
N ALA D 184 -26.10 27.60 33.96
CA ALA D 184 -26.36 28.54 35.05
C ALA D 184 -25.66 29.90 34.86
N ASP D 185 -24.43 29.87 34.34
CA ASP D 185 -23.67 31.10 34.07
C ASP D 185 -24.14 31.79 32.79
N TYR D 186 -24.81 31.02 31.93
CA TYR D 186 -25.50 31.55 30.76
C TYR D 186 -26.77 32.31 31.16
N GLU D 187 -27.41 31.87 32.24
CA GLU D 187 -28.63 32.50 32.74
C GLU D 187 -28.36 33.86 33.37
N LYS D 188 -27.26 33.96 34.12
CA LYS D 188 -26.91 35.17 34.89
C LYS D 188 -26.85 36.47 34.06
N HIS D 189 -26.86 36.34 32.73
CA HIS D 189 -26.75 37.48 31.85
C HIS D 189 -27.70 37.41 30.65
N LYS D 190 -27.93 38.56 30.01
CA LYS D 190 -28.98 38.72 29.02
C LYS D 190 -28.47 39.24 27.67
N VAL D 191 -27.48 40.12 27.71
CA VAL D 191 -26.86 40.69 26.51
C VAL D 191 -25.48 40.05 26.24
N TYR D 192 -25.34 39.47 25.06
CA TYR D 192 -24.12 38.76 24.65
C TYR D 192 -23.59 39.31 23.34
N ALA D 193 -22.33 39.74 23.32
CA ALA D 193 -21.75 40.33 22.13
C ALA D 193 -20.27 40.01 21.96
N CYS D 194 -19.85 39.91 20.71
CA CYS D 194 -18.43 39.81 20.38
C CYS D 194 -17.97 41.02 19.57
N GLU D 195 -16.79 41.53 19.88
CA GLU D 195 -16.29 42.72 19.24
C GLU D 195 -15.05 42.40 18.44
N VAL D 196 -15.04 42.84 17.20
CA VAL D 196 -13.94 42.56 16.30
C VAL D 196 -13.20 43.83 15.92
N THR D 197 -11.87 43.83 16.06
CA THR D 197 -11.04 44.79 15.35
C THR D 197 -10.20 44.06 14.30
N HIS D 198 -10.20 44.62 13.09
CA HIS D 198 -9.48 44.11 11.94
C HIS D 198 -9.09 45.36 11.14
N GLN D 199 -8.05 45.28 10.30
CA GLN D 199 -7.54 46.50 9.66
C GLN D 199 -8.43 47.00 8.53
N GLY D 200 -9.32 46.12 8.06
CA GLY D 200 -10.29 46.45 7.01
C GLY D 200 -11.40 47.28 7.59
N LEU D 201 -11.40 47.41 8.91
CA LEU D 201 -12.38 48.22 9.61
C LEU D 201 -11.72 49.31 10.44
N SER D 202 -12.23 50.52 10.31
CA SER D 202 -11.69 51.66 11.05
C SER D 202 -12.14 51.61 12.50
N SER D 203 -13.44 51.44 12.72
CA SER D 203 -13.98 51.35 14.07
C SER D 203 -14.31 49.90 14.34
N PRO D 204 -14.10 49.46 15.60
CA PRO D 204 -14.44 48.09 16.00
C PRO D 204 -15.89 47.75 15.70
N VAL D 205 -16.14 46.52 15.29
CA VAL D 205 -17.48 46.12 14.91
C VAL D 205 -18.06 45.09 15.86
N THR D 206 -19.36 45.23 16.11
CA THR D 206 -20.05 44.46 17.14
C THR D 206 -21.29 43.79 16.55
N LYS D 207 -21.44 42.51 16.89
CA LYS D 207 -22.71 41.83 16.70
C LYS D 207 -23.12 41.37 18.08
N SER D 208 -24.41 41.50 18.38
CA SER D 208 -24.94 41.18 19.70
C SER D 208 -26.32 40.55 19.59
N PHE D 209 -26.68 39.75 20.59
CA PHE D 209 -28.05 39.24 20.72
C PHE D 209 -28.61 39.42 22.14
N ASN D 210 -29.94 39.36 22.24
CA ASN D 210 -30.62 39.32 23.52
C ASN D 210 -31.29 37.97 23.75
N ARG D 211 -30.88 37.30 24.82
CA ARG D 211 -31.36 35.97 25.19
C ARG D 211 -32.87 36.00 25.52
N GLY D 212 -33.68 35.80 24.48
CA GLY D 212 -35.14 35.90 24.56
C GLY D 212 -35.72 36.93 23.60
#